data_7F4L
#
_entry.id   7F4L
#
_cell.length_a   82.765
_cell.length_b   86.487
_cell.length_c   160.989
_cell.angle_alpha   90.000
_cell.angle_beta   90.000
_cell.angle_gamma   90.000
#
_symmetry.space_group_name_H-M   'P 21 21 21'
#
loop_
_entity.id
_entity.type
_entity.pdbx_description
1 polymer 'Transmembrane protein, putative'
2 polymer 'MT-a70 family protein'
3 polymer 'p1 protein'
4 water water
#
loop_
_entity_poly.entity_id
_entity_poly.type
_entity_poly.pdbx_seq_one_letter_code
_entity_poly.pdbx_strand_id
1 'polypeptide(L)'
;(MSE)KKNGKSQNQPLDFTQYAKN(MSE)RKDLSNQDICLEDGALNHSYFLTKKGQYWTPLNQKALQRGIELFGVGNWKE
INYDEFSGKANIVELELRTC(MSE)ILGINDITEYYGKKISEEEQEEIKKSNIAKGKKENKLKDNIYQKLQQ(MSE)Q
;
B,A
2 'polypeptide(L)'
;DDYLDRLPKSKKGLQGLLQDIEKRILHYKQLFFKEQNEIANGKRS(MSE)VPDNSIPICSDVTKLNFQALIDAQ(MSE)R
HAGK(MSE)FDVI(MSE)(MSE)DPPWQLSSSQPSRGVAIAYDSLSDEKIQN(MSE)PIQSLQQDGFIFVWAINAKYRVT
IK(MSE)IENWGYKLVDEITWVKKTVNGKIAKGHGFYLQHAKESCLIGVKGDVDNGRFKKNIASDVIFSERRGQSQKPEE
IYQYINQLCPNGNYLEIFARRNNLHDNWVSIGNEL
;
C,D
3 'polypeptide(L)'
;(MSE)SLKKGKFQHNQSKSLWNYTLSPGWREEEVKILKSALQLFGIGKWKKI(MSE)ESGCLPGKSIGQIY(MSE)QTQR
LLGQQSLGDF(MSE)GLQIDLEAVFNQN(MSE)KKQDVLRKNNCIINTGDNPTKEERKRRIEQNRKIYGLSAKQIAEIKL
PKVKKHAPQY(MSE)TLEDIENEKFTNLEILTHLYNLKAEIVRRLAEQGETIAQPSIIKSLNNLNHNLEQNQNSNSSTET
KVTLEQSGKKKYKVLAIEETELQNGPIATNSQKKSINGKRKNNRKINSDSEGNEEDISLEDIDSQESEINSEEIVEDDEE
DEQIEEPSKIKKR
;
E,F
#
# COMPACT_ATOMS: atom_id res chain seq x y z
N PRO A 11 4.72 -19.17 -31.01
CA PRO A 11 4.84 -20.60 -30.79
C PRO A 11 6.10 -20.90 -30.00
N LEU A 12 6.00 -20.84 -28.67
CA LEU A 12 7.14 -21.06 -27.81
C LEU A 12 6.85 -22.18 -26.83
N ASP A 13 7.72 -23.18 -26.81
CA ASP A 13 7.52 -24.27 -25.88
C ASP A 13 8.46 -24.02 -24.74
N PHE A 14 7.89 -23.70 -23.59
CA PHE A 14 8.68 -23.20 -22.50
C PHE A 14 9.54 -24.31 -21.93
N THR A 15 8.94 -25.49 -21.80
CA THR A 15 9.66 -26.60 -21.21
C THR A 15 10.95 -26.90 -21.95
N GLN A 16 10.88 -26.92 -23.26
CA GLN A 16 12.05 -26.99 -24.09
C GLN A 16 12.90 -25.77 -23.90
N TYR A 17 12.26 -24.62 -23.70
CA TYR A 17 12.96 -23.36 -23.56
C TYR A 17 13.87 -23.35 -22.35
N ALA A 18 13.35 -23.84 -21.24
CA ALA A 18 14.11 -23.91 -20.02
C ALA A 18 15.27 -24.85 -20.17
N LYS A 19 15.04 -25.95 -20.85
CA LYS A 19 16.06 -26.95 -21.03
C LYS A 19 17.22 -26.38 -21.81
N ASN A 20 16.92 -25.66 -22.87
CA ASN A 20 17.95 -25.10 -23.69
C ASN A 20 18.72 -24.04 -22.97
N MSE A 21 18.01 -23.19 -22.26
CA MSE A 21 18.64 -22.06 -21.61
C MSE A 21 19.57 -22.50 -20.54
O MSE A 21 20.63 -21.90 -20.35
CB MSE A 21 17.60 -21.07 -21.09
CG MSE A 21 16.88 -20.36 -22.22
SE MSE A 21 17.94 -18.90 -22.95
CE MSE A 21 17.73 -17.60 -21.52
N ARG A 22 19.17 -23.53 -19.81
CA ARG A 22 19.95 -24.04 -18.71
C ARG A 22 21.26 -24.60 -19.21
N LYS A 23 21.23 -25.36 -20.29
CA LYS A 23 22.45 -25.97 -20.77
C LYS A 23 23.48 -24.92 -21.14
N ASP A 24 23.04 -23.84 -21.77
CA ASP A 24 23.98 -22.85 -22.25
C ASP A 24 24.34 -21.81 -21.21
N LEU A 25 23.59 -21.70 -20.11
CA LEU A 25 23.85 -20.65 -19.15
C LEU A 25 24.09 -21.15 -17.72
N SER A 26 23.55 -22.30 -17.35
CA SER A 26 23.61 -22.71 -15.96
C SER A 26 24.92 -23.42 -15.64
N ASN A 27 25.29 -23.35 -14.38
CA ASN A 27 26.44 -24.06 -13.84
C ASN A 27 26.24 -25.57 -14.00
N GLN A 28 27.30 -26.35 -14.07
CA GLN A 28 27.11 -27.78 -14.30
C GLN A 28 26.40 -28.55 -13.18
N ASP A 29 26.50 -28.08 -11.95
CA ASP A 29 25.75 -28.64 -10.83
C ASP A 29 24.23 -28.44 -10.91
N ILE A 30 23.82 -27.30 -11.43
CA ILE A 30 22.41 -26.98 -11.60
C ILE A 30 21.63 -27.84 -12.58
N CYS A 31 22.23 -28.18 -13.70
CA CYS A 31 21.52 -28.91 -14.72
C CYS A 31 22.29 -30.08 -15.28
N LEU A 32 21.56 -31.07 -15.77
CA LEU A 32 22.17 -32.23 -16.40
C LEU A 32 22.51 -32.01 -17.84
N GLU A 33 23.41 -32.80 -18.39
CA GLU A 33 23.74 -32.64 -19.81
C GLU A 33 22.45 -32.89 -20.58
N ASP A 34 21.58 -33.69 -19.99
CA ASP A 34 20.27 -33.90 -20.50
C ASP A 34 19.72 -32.53 -20.72
N GLY A 35 20.08 -31.61 -19.84
CA GLY A 35 19.42 -30.33 -19.84
C GLY A 35 18.47 -30.15 -18.66
N ALA A 36 17.87 -31.22 -18.18
CA ALA A 36 16.89 -31.10 -17.12
C ALA A 36 17.51 -30.59 -15.83
N LEU A 37 16.63 -30.18 -14.93
CA LEU A 37 17.03 -29.54 -13.69
C LEU A 37 17.51 -30.59 -12.69
N ASN A 38 18.69 -30.36 -12.11
CA ASN A 38 19.32 -31.30 -11.20
C ASN A 38 18.83 -31.03 -9.80
N HIS A 39 17.74 -31.69 -9.42
CA HIS A 39 17.07 -31.39 -8.15
C HIS A 39 17.96 -31.63 -6.95
N SER A 40 18.94 -32.51 -7.06
CA SER A 40 19.75 -32.80 -5.89
C SER A 40 20.51 -31.57 -5.44
N TYR A 41 20.80 -30.65 -6.35
CA TYR A 41 21.56 -29.45 -6.00
C TYR A 41 20.80 -28.54 -5.07
N PHE A 42 19.47 -28.57 -5.12
CA PHE A 42 18.64 -27.65 -4.38
C PHE A 42 18.09 -28.27 -3.11
N LEU A 43 18.36 -29.54 -2.88
CA LEU A 43 18.09 -30.15 -1.60
C LEU A 43 19.26 -30.03 -0.64
N THR A 44 20.25 -29.25 -1.01
CA THR A 44 21.42 -28.95 -0.20
C THR A 44 21.62 -27.46 -0.10
N LYS A 45 22.16 -26.97 1.01
CA LYS A 45 22.45 -25.54 1.13
C LYS A 45 23.49 -25.10 0.13
N LYS A 46 23.32 -23.89 -0.38
CA LYS A 46 24.32 -23.31 -1.25
C LYS A 46 25.68 -23.29 -0.56
N GLY A 47 26.72 -23.61 -1.30
CA GLY A 47 28.03 -23.76 -0.77
C GLY A 47 28.37 -25.18 -0.40
N GLN A 48 27.39 -25.98 -0.04
CA GLN A 48 27.64 -27.31 0.52
C GLN A 48 27.29 -28.44 -0.43
N TYR A 49 27.33 -28.23 -1.73
CA TYR A 49 26.91 -29.30 -2.61
C TYR A 49 28.04 -30.29 -2.83
N TRP A 50 27.69 -31.58 -2.81
CA TRP A 50 28.66 -32.63 -3.04
C TRP A 50 28.49 -33.16 -4.45
N THR A 51 29.41 -32.89 -5.26
CA THR A 51 29.33 -33.15 -6.67
C THR A 51 29.86 -34.52 -6.99
N PRO A 52 29.57 -35.03 -8.18
CA PRO A 52 30.18 -36.29 -8.59
C PRO A 52 31.68 -36.20 -8.78
N LEU A 53 32.23 -35.06 -9.16
CA LEU A 53 33.68 -35.02 -9.20
C LEU A 53 34.27 -34.92 -7.81
N ASN A 54 33.53 -34.39 -6.85
CA ASN A 54 33.97 -34.47 -5.46
C ASN A 54 34.09 -35.91 -5.01
N GLN A 55 33.11 -36.75 -5.35
CA GLN A 55 33.06 -38.07 -4.75
C GLN A 55 34.19 -38.95 -5.24
N LYS A 56 34.56 -38.84 -6.52
CA LYS A 56 35.71 -39.60 -6.99
C LYS A 56 36.99 -39.11 -6.34
N ALA A 57 37.13 -37.80 -6.18
CA ALA A 57 38.26 -37.25 -5.45
C ALA A 57 38.41 -37.96 -4.11
N LEU A 58 37.32 -38.17 -3.41
CA LEU A 58 37.43 -38.78 -2.10
C LEU A 58 37.90 -40.21 -2.23
N GLN A 59 37.28 -40.96 -3.14
CA GLN A 59 37.65 -42.34 -3.36
C GLN A 59 39.12 -42.46 -3.75
N ARG A 60 39.62 -41.52 -4.54
CA ARG A 60 41.05 -41.50 -4.82
C ARG A 60 41.85 -41.31 -3.55
N GLY A 61 41.34 -40.52 -2.62
CA GLY A 61 42.16 -40.16 -1.48
C GLY A 61 42.26 -41.27 -0.48
N ILE A 62 41.31 -42.19 -0.49
CA ILE A 62 41.43 -43.34 0.38
C ILE A 62 42.52 -44.26 -0.12
N GLU A 63 42.67 -44.37 -1.45
CA GLU A 63 43.74 -45.17 -2.00
C GLU A 63 45.09 -44.58 -1.66
N LEU A 64 45.24 -43.27 -1.76
CA LEU A 64 46.57 -42.69 -1.71
C LEU A 64 47.03 -42.41 -0.30
N PHE A 65 46.09 -42.07 0.57
CA PHE A 65 46.44 -41.58 1.88
C PHE A 65 45.91 -42.40 3.05
N GLY A 66 44.88 -43.19 2.81
CA GLY A 66 44.25 -43.95 3.89
C GLY A 66 43.03 -43.32 4.53
N VAL A 67 42.23 -44.16 5.17
CA VAL A 67 40.94 -43.78 5.70
C VAL A 67 40.97 -42.71 6.79
N GLY A 68 41.86 -42.81 7.74
CA GLY A 68 41.92 -41.84 8.81
C GLY A 68 42.25 -40.43 8.43
N ASN A 69 43.15 -40.25 7.49
CA ASN A 69 43.81 -38.96 7.25
C ASN A 69 43.10 -38.00 6.34
N TRP A 70 42.04 -37.39 6.87
CA TRP A 70 41.22 -36.44 6.18
C TRP A 70 41.95 -35.21 5.80
N LYS A 71 42.85 -34.78 6.65
CA LYS A 71 43.62 -33.60 6.38
C LYS A 71 44.52 -33.73 5.16
N GLU A 72 45.19 -34.86 5.02
CA GLU A 72 46.07 -35.07 3.88
C GLU A 72 45.30 -35.11 2.59
N ILE A 73 44.18 -35.80 2.63
CA ILE A 73 43.20 -35.82 1.55
C ILE A 73 42.72 -34.42 1.21
N ASN A 74 42.36 -33.63 2.23
CA ASN A 74 41.86 -32.29 1.94
C ASN A 74 42.92 -31.48 1.21
N TYR A 75 44.16 -31.60 1.66
CA TYR A 75 45.23 -30.89 0.98
C TYR A 75 45.32 -31.30 -0.49
N ASP A 76 45.43 -32.60 -0.74
CA ASP A 76 45.77 -33.05 -2.08
C ASP A 76 44.59 -32.99 -3.03
N GLU A 77 43.42 -33.45 -2.59
CA GLU A 77 42.29 -33.61 -3.50
C GLU A 77 41.31 -32.47 -3.62
N PHE A 78 41.29 -31.61 -2.63
CA PHE A 78 40.27 -30.58 -2.59
C PHE A 78 40.89 -29.21 -2.45
N SER A 79 42.20 -29.11 -2.62
CA SER A 79 42.91 -27.86 -2.41
C SER A 79 42.50 -27.23 -1.09
N GLY A 80 42.21 -28.04 -0.11
CA GLY A 80 41.99 -27.59 1.23
C GLY A 80 40.60 -27.13 1.53
N LYS A 81 39.72 -27.21 0.56
CA LYS A 81 38.43 -26.57 0.64
C LYS A 81 37.27 -27.45 1.07
N ALA A 82 37.50 -28.75 1.27
CA ALA A 82 36.43 -29.62 1.73
C ALA A 82 36.22 -29.47 3.23
N ASN A 83 35.15 -30.11 3.68
CA ASN A 83 34.79 -30.23 5.08
C ASN A 83 35.34 -31.55 5.60
N ILE A 84 36.21 -31.47 6.60
CA ILE A 84 36.86 -32.67 7.12
C ILE A 84 35.82 -33.63 7.68
N VAL A 85 34.79 -33.11 8.33
CA VAL A 85 33.72 -33.95 8.84
C VAL A 85 32.95 -34.58 7.68
N GLU A 86 32.65 -33.81 6.68
CA GLU A 86 31.97 -34.37 5.53
C GLU A 86 32.75 -35.52 4.93
N LEU A 87 34.06 -35.38 4.84
CA LEU A 87 34.90 -36.46 4.36
C LEU A 87 34.68 -37.72 5.18
N GLU A 88 34.87 -37.62 6.49
CA GLU A 88 34.62 -38.75 7.39
C GLU A 88 33.26 -39.39 7.14
N LEU A 89 32.22 -38.58 6.95
CA LEU A 89 30.88 -39.11 6.82
C LEU A 89 30.66 -39.83 5.51
N ARG A 90 31.22 -39.24 4.47
CA ARG A 90 31.11 -39.74 3.13
C ARG A 90 31.74 -41.09 3.00
N THR A 91 32.85 -41.33 3.69
CA THR A 91 33.54 -42.62 3.66
C THR A 91 32.80 -43.72 4.40
N CYS A 92 32.03 -43.34 5.40
CA CYS A 92 31.16 -44.24 6.10
C CYS A 92 30.15 -44.82 5.17
N MSE A 93 29.66 -43.99 4.27
CA MSE A 93 28.80 -44.43 3.22
C MSE A 93 29.50 -45.33 2.26
O MSE A 93 28.89 -46.26 1.76
CB MSE A 93 28.25 -43.19 2.56
CG MSE A 93 27.16 -42.55 3.41
SE MSE A 93 26.75 -40.79 2.74
CE MSE A 93 25.80 -41.36 1.16
N ILE A 94 30.76 -45.04 1.96
CA ILE A 94 31.56 -45.75 1.00
C ILE A 94 31.78 -47.19 1.39
N LEU A 95 31.92 -47.43 2.68
CA LEU A 95 32.09 -48.75 3.22
C LEU A 95 30.84 -49.35 3.87
N GLY A 96 29.73 -48.66 3.87
CA GLY A 96 28.51 -49.21 4.45
C GLY A 96 28.49 -49.66 5.90
N ILE A 97 29.07 -48.88 6.80
CA ILE A 97 29.06 -49.18 8.20
C ILE A 97 28.90 -47.86 8.93
N ASN A 98 28.47 -47.82 10.18
CA ASN A 98 28.16 -46.50 10.67
C ASN A 98 29.40 -45.85 11.26
N ASP A 99 30.29 -46.68 11.80
CA ASP A 99 31.52 -46.30 12.48
C ASP A 99 32.72 -46.99 11.83
N ILE A 100 33.79 -46.29 11.47
CA ILE A 100 34.82 -46.95 10.68
C ILE A 100 36.14 -47.04 11.41
N THR A 101 36.15 -46.92 12.73
CA THR A 101 37.43 -46.92 13.42
C THR A 101 38.25 -48.16 13.09
N GLU A 102 37.56 -49.20 12.65
CA GLU A 102 38.16 -50.44 12.23
C GLU A 102 39.09 -50.29 11.03
N TYR A 103 38.72 -49.43 10.08
CA TYR A 103 39.50 -49.24 8.89
C TYR A 103 40.46 -48.07 8.99
N TYR A 104 40.58 -47.48 10.16
CA TYR A 104 41.45 -46.33 10.31
C TYR A 104 42.88 -46.69 10.08
N GLY A 105 43.49 -45.87 9.23
CA GLY A 105 44.87 -45.96 8.82
C GLY A 105 45.00 -46.72 7.53
N LYS A 106 44.00 -47.48 7.16
CA LYS A 106 44.12 -48.37 6.03
C LYS A 106 44.08 -47.67 4.69
N LYS A 107 44.84 -48.16 3.71
CA LYS A 107 44.66 -47.67 2.36
C LYS A 107 43.78 -48.70 1.65
N ILE A 108 42.73 -48.24 0.99
CA ILE A 108 41.84 -49.15 0.31
C ILE A 108 41.69 -48.79 -1.14
N SER A 109 41.35 -49.78 -1.94
CA SER A 109 41.24 -49.62 -3.37
C SER A 109 39.80 -49.39 -3.75
N GLU A 110 39.58 -48.65 -4.82
CA GLU A 110 38.26 -48.24 -5.17
C GLU A 110 37.44 -49.50 -5.34
N GLU A 111 38.06 -50.50 -5.94
CA GLU A 111 37.49 -51.83 -6.08
C GLU A 111 37.30 -52.56 -4.77
N GLU A 112 38.26 -52.44 -3.87
CA GLU A 112 38.13 -53.00 -2.54
C GLU A 112 37.01 -52.37 -1.68
N GLN A 113 36.83 -51.07 -1.83
CA GLN A 113 35.83 -50.33 -1.07
C GLN A 113 34.44 -50.80 -1.37
N GLU A 114 34.16 -51.10 -2.63
CA GLU A 114 32.87 -51.65 -2.96
C GLU A 114 32.71 -53.00 -2.29
N GLU A 115 33.74 -53.83 -2.42
CA GLU A 115 33.68 -55.14 -1.81
C GLU A 115 33.61 -55.00 -0.29
N ILE A 116 34.41 -54.11 0.28
CA ILE A 116 34.31 -53.90 1.73
C ILE A 116 32.88 -53.51 2.10
N LYS A 117 32.34 -52.53 1.40
CA LYS A 117 30.97 -52.12 1.67
C LYS A 117 29.98 -53.25 1.39
N LYS A 118 30.16 -53.98 0.28
CA LYS A 118 29.29 -55.11 0.00
C LYS A 118 29.32 -56.11 1.14
N SER A 119 30.51 -56.47 1.59
CA SER A 119 30.60 -57.34 2.75
C SER A 119 29.90 -56.71 3.96
N ASN A 120 30.09 -55.41 4.13
CA ASN A 120 29.52 -54.78 5.31
C ASN A 120 28.00 -54.72 5.24
N ILE A 121 27.45 -54.46 4.06
CA ILE A 121 26.00 -54.57 3.94
C ILE A 121 25.56 -56.01 4.15
N ALA A 122 26.32 -56.97 3.60
CA ALA A 122 26.03 -58.37 3.81
C ALA A 122 25.97 -58.64 5.31
N LYS A 123 27.06 -58.36 5.97
CA LYS A 123 27.19 -58.65 7.36
C LYS A 123 26.04 -57.94 7.99
N GLY A 124 25.73 -56.78 7.45
CA GLY A 124 24.77 -55.88 8.05
C GLY A 124 23.35 -56.38 8.00
N LYS A 125 22.87 -56.73 6.80
CA LYS A 125 21.47 -56.99 6.57
C LYS A 125 21.06 -58.06 7.53
N LYS A 126 21.94 -59.02 7.72
CA LYS A 126 21.62 -60.20 8.51
C LYS A 126 21.36 -60.02 9.99
N GLU A 127 22.21 -59.30 10.70
CA GLU A 127 22.02 -59.12 12.13
C GLU A 127 20.87 -58.16 12.39
N ASN A 128 20.40 -57.55 11.32
CA ASN A 128 19.20 -56.71 11.30
C ASN A 128 19.52 -55.31 11.75
N LYS A 129 20.80 -55.08 11.98
CA LYS A 129 21.30 -53.75 12.17
C LYS A 129 21.68 -53.19 10.82
N LEU A 130 20.70 -52.93 9.97
CA LEU A 130 20.98 -52.31 8.68
C LEU A 130 20.01 -51.18 8.51
N LYS A 131 20.49 -49.96 8.33
CA LYS A 131 19.64 -48.80 8.10
C LYS A 131 20.09 -47.93 6.94
N ASP A 132 19.20 -47.63 6.01
CA ASP A 132 19.45 -46.68 4.94
C ASP A 132 20.73 -46.99 4.20
N ASN A 133 21.00 -48.28 4.07
CA ASN A 133 22.15 -48.81 3.35
C ASN A 133 23.46 -48.79 4.12
N ILE A 134 23.39 -48.57 5.43
CA ILE A 134 24.56 -48.50 6.27
C ILE A 134 24.36 -49.52 7.36
N TYR A 135 25.43 -50.17 7.76
CA TYR A 135 25.34 -51.19 8.77
C TYR A 135 25.77 -50.54 10.06
N GLN A 136 24.90 -50.53 11.03
CA GLN A 136 25.21 -49.89 12.29
C GLN A 136 25.89 -50.78 13.27
N LYS A 137 27.20 -50.88 13.17
CA LYS A 137 28.00 -51.63 14.13
C LYS A 137 27.83 -51.00 15.49
N LEU A 138 27.70 -49.69 15.53
CA LEU A 138 27.52 -49.00 16.79
C LEU A 138 26.07 -48.62 17.01
N GLN A 139 25.49 -49.08 18.12
CA GLN A 139 24.10 -48.70 18.39
C GLN A 139 23.90 -47.91 19.67
N GLN A 140 22.83 -47.14 19.72
CA GLN A 140 22.51 -46.34 20.89
C GLN A 140 21.19 -45.62 20.68
N ASP B 2 33.45 -24.27 21.38
CA ASP B 2 33.21 -23.01 22.05
C ASP B 2 31.72 -22.84 22.33
N TYR B 3 31.34 -21.75 23.00
CA TYR B 3 32.26 -20.79 23.57
C TYR B 3 33.01 -21.38 24.76
N LEU B 4 34.20 -20.88 25.06
CA LEU B 4 35.05 -21.42 26.11
C LEU B 4 34.36 -21.33 27.45
N ASP B 5 33.66 -20.22 27.65
CA ASP B 5 33.04 -19.88 28.93
C ASP B 5 31.96 -20.83 29.35
N ARG B 6 31.21 -21.30 28.37
CA ARG B 6 30.04 -22.07 28.60
C ARG B 6 30.30 -23.54 28.77
N LEU B 7 31.50 -23.99 28.44
CA LEU B 7 31.87 -25.39 28.59
C LEU B 7 32.30 -25.72 29.98
N PRO B 8 32.19 -26.97 30.37
CA PRO B 8 32.73 -27.31 31.68
C PRO B 8 34.24 -27.30 31.71
N LYS B 9 34.81 -26.84 32.80
CA LYS B 9 36.24 -26.93 32.97
C LYS B 9 36.58 -28.10 33.84
N SER B 10 35.56 -28.82 34.32
CA SER B 10 35.69 -29.86 35.31
C SER B 10 35.77 -31.16 34.60
N LYS B 11 36.51 -32.10 35.18
CA LYS B 11 36.70 -33.40 34.57
C LYS B 11 35.41 -34.17 34.42
N LYS B 12 34.59 -34.14 35.45
CA LYS B 12 33.31 -34.82 35.46
C LYS B 12 32.30 -34.21 34.49
N GLY B 13 32.27 -32.89 34.41
CA GLY B 13 31.50 -32.19 33.40
C GLY B 13 31.96 -32.52 32.00
N LEU B 14 33.27 -32.51 31.79
CA LEU B 14 33.79 -32.81 30.47
C LEU B 14 33.54 -34.25 30.08
N GLN B 15 33.65 -35.18 31.03
CA GLN B 15 33.41 -36.58 30.71
C GLN B 15 31.97 -36.82 30.33
N GLY B 16 31.04 -36.20 31.04
CA GLY B 16 29.65 -36.42 30.74
C GLY B 16 29.24 -35.69 29.48
N LEU B 17 29.82 -34.53 29.24
CA LEU B 17 29.60 -33.85 27.98
C LEU B 17 30.12 -34.67 26.83
N LEU B 18 31.26 -35.31 27.01
CA LEU B 18 31.78 -36.12 25.93
C LEU B 18 30.87 -37.31 25.69
N GLN B 19 30.33 -37.87 26.75
CA GLN B 19 29.43 -38.99 26.59
C GLN B 19 28.20 -38.55 25.83
N ASP B 20 27.62 -37.40 26.19
CA ASP B 20 26.43 -36.91 25.51
C ASP B 20 26.71 -36.47 24.08
N ILE B 21 27.91 -35.98 23.80
CA ILE B 21 28.23 -35.60 22.42
C ILE B 21 28.28 -36.82 21.54
N GLU B 22 28.76 -37.94 22.08
CA GLU B 22 28.89 -39.17 21.33
C GLU B 22 27.55 -39.72 20.92
N LYS B 23 26.62 -39.86 21.86
CA LYS B 23 25.28 -40.31 21.52
C LYS B 23 24.66 -39.42 20.47
N ARG B 24 24.86 -38.12 20.62
CA ARG B 24 24.30 -37.16 19.69
C ARG B 24 24.87 -37.29 18.30
N ILE B 25 26.14 -37.61 18.21
CA ILE B 25 26.75 -37.79 16.91
C ILE B 25 26.14 -38.98 16.22
N LEU B 26 25.93 -40.06 16.95
CA LEU B 26 25.26 -41.20 16.35
C LEU B 26 23.87 -40.82 15.93
N HIS B 27 23.19 -40.02 16.73
CA HIS B 27 21.84 -39.66 16.35
C HIS B 27 21.83 -38.91 15.03
N TYR B 28 22.67 -37.88 14.90
CA TYR B 28 22.65 -37.10 13.68
C TYR B 28 23.31 -37.80 12.52
N LYS B 29 24.15 -38.79 12.77
CA LYS B 29 24.73 -39.54 11.68
C LYS B 29 23.65 -40.25 10.88
N GLN B 30 22.75 -40.94 11.56
CA GLN B 30 21.72 -41.65 10.83
C GLN B 30 20.85 -40.69 10.07
N LEU B 31 20.57 -39.54 10.67
CA LEU B 31 19.76 -38.54 9.98
C LEU B 31 20.44 -38.06 8.71
N PHE B 32 21.77 -38.00 8.73
CA PHE B 32 22.50 -37.57 7.55
C PHE B 32 22.50 -38.65 6.48
N PHE B 33 22.94 -39.85 6.84
CA PHE B 33 22.89 -40.99 5.94
C PHE B 33 21.51 -41.13 5.31
N LYS B 34 20.48 -41.03 6.12
CA LYS B 34 19.12 -41.15 5.62
C LYS B 34 18.81 -40.05 4.65
N GLU B 35 19.07 -38.80 5.03
CA GLU B 35 18.82 -37.69 4.13
C GLU B 35 19.54 -37.91 2.82
N GLN B 36 20.81 -38.26 2.90
CA GLN B 36 21.65 -38.41 1.72
C GLN B 36 21.15 -39.52 0.81
N ASN B 37 20.62 -40.58 1.39
CA ASN B 37 20.02 -41.65 0.61
C ASN B 37 18.72 -41.32 -0.13
N GLU B 38 17.85 -40.57 0.51
CA GLU B 38 16.60 -40.17 -0.10
C GLU B 38 16.88 -39.33 -1.31
N ILE B 39 17.90 -38.49 -1.19
CA ILE B 39 18.34 -37.65 -2.29
C ILE B 39 18.87 -38.47 -3.46
N ALA B 40 19.61 -39.52 -3.16
CA ALA B 40 20.14 -40.36 -4.22
C ALA B 40 19.03 -41.03 -5.03
N ASN B 41 18.04 -41.55 -4.33
CA ASN B 41 16.95 -42.23 -4.99
C ASN B 41 15.86 -41.27 -5.43
N GLY B 42 16.25 -40.32 -6.26
CA GLY B 42 15.34 -39.39 -6.90
C GLY B 42 14.42 -38.46 -6.14
N LYS B 43 14.87 -37.87 -5.04
CA LYS B 43 14.02 -36.90 -4.35
C LYS B 43 13.88 -35.63 -5.16
N ARG B 44 12.77 -34.93 -4.96
CA ARG B 44 12.45 -33.75 -5.75
C ARG B 44 12.53 -32.46 -4.95
N SER B 45 13.16 -31.45 -5.54
CA SER B 45 13.29 -30.16 -4.89
C SER B 45 12.04 -29.31 -5.01
N MSE B 46 11.97 -28.28 -4.20
CA MSE B 46 10.89 -27.33 -4.23
C MSE B 46 10.97 -26.41 -5.43
O MSE B 46 10.09 -25.56 -5.59
CB MSE B 46 10.92 -26.56 -2.92
CG MSE B 46 9.56 -26.47 -2.24
SE MSE B 46 8.60 -28.17 -2.25
CE MSE B 46 7.68 -28.06 -3.98
N VAL B 47 12.03 -26.50 -6.21
CA VAL B 47 12.18 -25.69 -7.41
C VAL B 47 11.26 -26.16 -8.54
N PRO B 48 10.54 -25.15 -9.21
CA PRO B 48 9.75 -25.66 -10.34
C PRO B 48 10.58 -26.11 -11.53
N ASP B 49 10.04 -27.03 -12.31
CA ASP B 49 10.76 -27.76 -13.34
C ASP B 49 11.31 -26.85 -14.40
N ASN B 50 10.60 -25.77 -14.64
CA ASN B 50 10.85 -24.93 -15.78
C ASN B 50 11.59 -23.64 -15.52
N SER B 51 12.35 -23.56 -14.45
CA SER B 51 13.06 -22.31 -14.20
C SER B 51 14.51 -22.43 -14.59
N ILE B 52 15.12 -21.29 -14.87
CA ILE B 52 16.51 -21.21 -15.28
C ILE B 52 17.31 -20.50 -14.20
N PRO B 53 17.92 -21.27 -13.30
CA PRO B 53 18.78 -20.71 -12.26
C PRO B 53 20.19 -20.50 -12.76
N ILE B 54 20.75 -19.33 -12.54
CA ILE B 54 22.12 -19.09 -12.88
C ILE B 54 22.81 -18.50 -11.67
N CYS B 55 23.91 -19.08 -11.24
CA CYS B 55 24.61 -18.58 -10.09
C CYS B 55 25.78 -17.82 -10.63
N SER B 56 25.81 -16.54 -10.34
CA SER B 56 26.77 -15.65 -10.93
C SER B 56 26.88 -14.39 -10.12
N ASP B 57 27.83 -13.55 -10.44
CA ASP B 57 27.84 -12.23 -9.87
C ASP B 57 27.64 -11.24 -10.97
N VAL B 58 26.70 -10.33 -10.80
CA VAL B 58 26.28 -9.45 -11.88
C VAL B 58 27.32 -8.39 -12.22
N THR B 59 28.32 -8.25 -11.37
CA THR B 59 29.39 -7.31 -11.55
C THR B 59 30.30 -7.94 -12.56
N LYS B 60 30.70 -9.16 -12.26
CA LYS B 60 31.48 -9.99 -13.15
C LYS B 60 30.72 -10.39 -14.39
N LEU B 61 29.44 -10.68 -14.23
CA LEU B 61 28.70 -11.35 -15.26
C LEU B 61 28.81 -10.46 -16.43
N ASN B 62 28.96 -11.05 -17.59
CA ASN B 62 28.91 -10.29 -18.81
C ASN B 62 27.66 -10.80 -19.47
N PHE B 63 26.76 -9.87 -19.74
CA PHE B 63 25.42 -10.20 -20.14
C PHE B 63 25.33 -10.75 -21.53
N GLN B 64 26.37 -10.55 -22.31
CA GLN B 64 26.27 -10.82 -23.72
C GLN B 64 25.92 -12.26 -23.99
N ALA B 65 26.50 -13.17 -23.24
CA ALA B 65 26.18 -14.57 -23.41
C ALA B 65 24.73 -14.80 -23.10
N LEU B 66 24.24 -14.13 -22.08
CA LEU B 66 22.84 -14.27 -21.71
C LEU B 66 21.99 -13.79 -22.85
N ILE B 67 22.37 -12.64 -23.39
CA ILE B 67 21.65 -12.04 -24.47
C ILE B 67 21.66 -12.90 -25.70
N ASP B 68 22.82 -13.44 -26.04
CA ASP B 68 22.91 -14.28 -27.20
C ASP B 68 22.10 -15.54 -27.01
N ALA B 69 22.21 -16.15 -25.84
CA ALA B 69 21.48 -17.37 -25.60
C ALA B 69 20.01 -17.12 -25.64
N GLN B 70 19.57 -15.99 -25.10
CA GLN B 70 18.14 -15.68 -25.12
C GLN B 70 17.59 -15.47 -26.51
N MSE B 71 18.35 -14.74 -27.32
CA MSE B 71 17.93 -14.43 -28.66
C MSE B 71 17.82 -15.71 -29.38
O MSE B 71 16.87 -15.92 -30.15
CB MSE B 71 19.01 -13.59 -29.32
CG MSE B 71 18.87 -12.11 -28.98
SE MSE B 71 17.10 -11.45 -29.48
CE MSE B 71 16.92 -12.54 -31.10
N ARG B 72 18.77 -16.58 -29.12
CA ARG B 72 18.89 -17.87 -29.77
C ARG B 72 17.70 -18.79 -29.55
N HIS B 73 17.19 -18.83 -28.32
CA HIS B 73 16.15 -19.76 -27.97
C HIS B 73 14.76 -19.19 -27.86
N ALA B 74 14.64 -17.87 -27.89
CA ALA B 74 13.34 -17.23 -27.76
C ALA B 74 12.99 -16.28 -28.90
N GLY B 75 14.01 -15.67 -29.48
CA GLY B 75 13.83 -14.79 -30.61
C GLY B 75 13.41 -13.39 -30.22
N LYS B 76 13.24 -13.20 -28.93
CA LYS B 76 12.84 -11.93 -28.38
C LYS B 76 13.70 -11.74 -27.15
N MSE B 77 13.90 -10.50 -26.76
CA MSE B 77 14.50 -10.21 -25.47
C MSE B 77 13.34 -10.29 -24.57
O MSE B 77 12.26 -10.67 -25.02
CB MSE B 77 15.17 -8.86 -25.33
CG MSE B 77 16.55 -8.81 -25.95
SE MSE B 77 17.50 -10.50 -25.73
CE MSE B 77 19.33 -9.80 -25.72
N PHE B 78 13.53 -9.99 -23.31
CA PHE B 78 12.51 -10.23 -22.25
C PHE B 78 11.44 -9.18 -22.06
N ASP B 79 10.38 -9.59 -21.40
CA ASP B 79 9.21 -8.76 -21.27
C ASP B 79 9.12 -8.07 -19.95
N VAL B 80 9.71 -8.65 -18.94
CA VAL B 80 9.62 -8.05 -17.61
C VAL B 80 10.89 -8.38 -16.86
N ILE B 81 11.53 -7.37 -16.26
CA ILE B 81 12.73 -7.55 -15.46
C ILE B 81 12.48 -7.12 -14.01
N MSE B 82 12.87 -7.96 -13.04
CA MSE B 82 12.65 -7.67 -11.66
C MSE B 82 13.91 -7.70 -10.87
O MSE B 82 14.78 -8.52 -11.13
CB MSE B 82 11.65 -8.65 -11.08
CG MSE B 82 10.39 -7.94 -10.60
SE MSE B 82 9.81 -8.62 -8.88
CE MSE B 82 9.46 -10.43 -9.46
N MSE B 83 14.05 -6.76 -9.96
CA MSE B 83 15.25 -6.61 -9.17
C MSE B 83 15.01 -6.25 -7.74
O MSE B 83 14.33 -5.27 -7.50
CB MSE B 83 15.76 -5.34 -9.79
CG MSE B 83 17.25 -5.12 -9.67
SE MSE B 83 17.80 -4.00 -11.14
CE MSE B 83 18.58 -2.68 -9.98
N ASP B 84 15.62 -6.94 -6.79
CA ASP B 84 15.66 -6.44 -5.43
C ASP B 84 17.11 -6.21 -5.13
N PRO B 85 17.59 -4.92 -5.36
CA PRO B 85 19.04 -4.81 -5.28
C PRO B 85 19.58 -4.98 -3.90
N PRO B 86 20.79 -5.52 -3.77
CA PRO B 86 21.32 -5.57 -2.40
C PRO B 86 22.07 -4.29 -2.10
N TRP B 87 21.36 -3.32 -1.55
CA TRP B 87 21.90 -2.00 -1.37
C TRP B 87 22.94 -1.91 -0.28
N GLN B 88 23.84 -0.94 -0.39
CA GLN B 88 24.77 -0.63 0.69
C GLN B 88 24.17 0.39 1.61
N ASP B 103 27.12 -9.01 0.01
CA ASP B 103 25.76 -8.72 0.41
C ASP B 103 25.48 -7.26 0.17
N SER B 104 26.53 -6.47 0.01
CA SER B 104 26.37 -5.04 -0.20
C SER B 104 27.07 -4.60 -1.46
N LEU B 105 26.33 -3.98 -2.36
CA LEU B 105 26.97 -3.44 -3.54
C LEU B 105 26.80 -1.95 -3.48
N SER B 106 27.83 -1.24 -3.84
CA SER B 106 27.81 0.19 -3.72
C SER B 106 26.78 0.62 -4.71
N ASP B 107 26.25 1.83 -4.54
CA ASP B 107 25.22 2.33 -5.42
C ASP B 107 25.77 2.22 -6.83
N GLU B 108 27.07 2.42 -6.92
CA GLU B 108 27.79 2.53 -8.16
C GLU B 108 27.76 1.31 -9.07
N LYS B 109 27.79 0.08 -8.57
CA LYS B 109 28.15 -0.93 -9.52
C LYS B 109 26.85 -1.57 -9.86
N ILE B 110 25.87 -1.43 -8.98
CA ILE B 110 24.50 -1.75 -9.34
C ILE B 110 24.00 -0.83 -10.42
N GLN B 111 24.31 0.44 -10.30
CA GLN B 111 23.86 1.48 -11.22
C GLN B 111 24.41 1.29 -12.64
N ASN B 112 25.63 0.84 -12.73
CA ASN B 112 26.35 0.81 -13.99
C ASN B 112 26.19 -0.47 -14.73
N MSE B 113 25.27 -1.30 -14.28
CA MSE B 113 24.97 -2.51 -14.95
C MSE B 113 24.45 -2.20 -16.33
O MSE B 113 23.74 -1.20 -16.52
CB MSE B 113 23.93 -3.24 -14.14
CG MSE B 113 24.64 -4.24 -13.27
SE MSE B 113 23.37 -5.15 -12.11
CE MSE B 113 22.96 -6.61 -13.33
N PRO B 114 24.84 -3.10 -17.32
CA PRO B 114 24.31 -2.75 -18.64
C PRO B 114 22.95 -3.38 -18.86
N ILE B 115 21.96 -2.85 -18.19
CA ILE B 115 20.61 -3.36 -18.24
C ILE B 115 19.88 -3.22 -19.60
N GLN B 116 20.14 -2.12 -20.28
CA GLN B 116 19.49 -1.79 -21.53
C GLN B 116 19.62 -2.84 -22.60
N SER B 117 20.74 -3.53 -22.60
CA SER B 117 20.96 -4.63 -23.50
C SER B 117 19.91 -5.69 -23.25
N LEU B 118 19.53 -5.82 -22.00
CA LEU B 118 18.64 -6.88 -21.57
C LEU B 118 17.22 -6.90 -22.11
N GLN B 119 16.62 -5.74 -22.30
CA GLN B 119 15.26 -5.70 -22.81
C GLN B 119 15.07 -4.57 -23.79
N GLN B 120 14.10 -4.71 -24.68
CA GLN B 120 13.81 -3.65 -25.63
C GLN B 120 12.43 -3.03 -25.51
N ASP B 121 11.46 -3.81 -25.09
CA ASP B 121 10.10 -3.34 -25.12
C ASP B 121 9.27 -3.36 -23.87
N GLY B 122 9.76 -3.89 -22.77
CA GLY B 122 8.80 -4.16 -21.71
C GLY B 122 8.89 -3.39 -20.40
N PHE B 123 8.40 -4.02 -19.33
CA PHE B 123 8.32 -3.45 -18.00
C PHE B 123 9.50 -3.85 -17.15
N ILE B 124 9.86 -3.00 -16.21
CA ILE B 124 10.87 -3.34 -15.20
C ILE B 124 10.32 -3.03 -13.83
N PHE B 125 10.66 -3.87 -12.86
CA PHE B 125 10.20 -3.76 -11.50
C PHE B 125 11.40 -3.75 -10.56
N VAL B 126 11.49 -2.75 -9.70
CA VAL B 126 12.66 -2.62 -8.83
C VAL B 126 12.21 -2.31 -7.42
N TRP B 127 12.79 -3.01 -6.45
CA TRP B 127 12.51 -2.78 -5.05
C TRP B 127 13.42 -1.72 -4.45
N ALA B 128 12.84 -0.89 -3.61
CA ALA B 128 13.52 0.29 -3.10
C ALA B 128 13.08 0.53 -1.67
N ILE B 129 14.00 0.46 -0.75
CA ILE B 129 13.76 0.94 0.57
C ILE B 129 13.78 2.46 0.50
N ASN B 130 13.22 3.10 1.49
CA ASN B 130 12.93 4.51 1.44
C ASN B 130 14.20 5.30 1.16
N ALA B 131 15.30 4.84 1.71
CA ALA B 131 16.56 5.46 1.44
C ALA B 131 16.97 5.39 -0.01
N LYS B 132 16.71 4.27 -0.66
CA LYS B 132 17.16 4.08 -2.03
C LYS B 132 16.09 4.41 -3.03
N TYR B 133 15.02 4.98 -2.53
CA TYR B 133 13.86 5.26 -3.35
C TYR B 133 14.12 6.23 -4.48
N ARG B 134 14.76 7.34 -4.19
CA ARG B 134 15.11 8.33 -5.18
C ARG B 134 16.19 7.85 -6.15
N VAL B 135 17.11 7.10 -5.61
CA VAL B 135 18.19 6.55 -6.37
C VAL B 135 17.68 5.63 -7.44
N THR B 136 16.68 4.85 -7.11
CA THR B 136 16.06 3.95 -8.06
C THR B 136 15.44 4.72 -9.18
N ILE B 137 14.76 5.82 -8.89
CA ILE B 137 14.18 6.64 -9.95
C ILE B 137 15.22 6.99 -10.99
N LYS B 138 16.29 7.62 -10.57
CA LYS B 138 17.17 8.09 -11.63
C LYS B 138 18.06 7.00 -12.17
N MSE B 139 17.99 5.78 -11.65
CA MSE B 139 18.84 4.75 -12.21
C MSE B 139 18.04 3.99 -13.23
O MSE B 139 18.59 3.53 -14.21
CB MSE B 139 19.41 3.85 -11.14
CG MSE B 139 18.88 2.49 -11.02
SE MSE B 139 19.79 1.58 -9.54
CE MSE B 139 21.07 0.65 -10.46
N ILE B 140 16.74 3.92 -13.05
CA ILE B 140 15.94 3.29 -14.10
C ILE B 140 15.66 4.28 -15.23
N GLU B 141 15.55 5.58 -14.93
CA GLU B 141 15.50 6.55 -15.99
C GLU B 141 16.74 6.45 -16.84
N ASN B 142 17.89 6.26 -16.21
CA ASN B 142 19.12 6.09 -16.97
C ASN B 142 19.04 4.88 -17.88
N TRP B 143 18.50 3.81 -17.40
CA TRP B 143 18.40 2.67 -18.28
C TRP B 143 17.32 2.86 -19.37
N GLY B 144 16.71 4.03 -19.47
CA GLY B 144 15.80 4.31 -20.55
C GLY B 144 14.35 4.25 -20.19
N TYR B 145 14.02 3.89 -18.97
CA TYR B 145 12.62 3.66 -18.63
C TYR B 145 11.94 4.94 -18.20
N LYS B 146 10.62 4.89 -18.27
CA LYS B 146 9.73 5.94 -17.85
C LYS B 146 9.01 5.44 -16.65
N LEU B 147 8.92 6.25 -15.61
CA LEU B 147 8.25 5.85 -14.41
C LEU B 147 6.77 5.81 -14.66
N VAL B 148 6.16 4.67 -14.43
CA VAL B 148 4.74 4.55 -14.64
C VAL B 148 3.93 4.09 -13.46
N ASP B 149 4.53 3.37 -12.53
CA ASP B 149 3.76 2.83 -11.43
C ASP B 149 4.56 2.46 -10.20
N GLU B 150 3.88 2.33 -9.07
CA GLU B 150 4.51 1.78 -7.89
C GLU B 150 3.61 0.82 -7.16
N ILE B 151 4.03 -0.44 -6.99
CA ILE B 151 3.32 -1.32 -6.10
C ILE B 151 3.80 -1.05 -4.69
N THR B 152 2.98 -1.33 -3.71
CA THR B 152 3.35 -1.08 -2.32
C THR B 152 3.01 -2.31 -1.48
N TRP B 153 3.94 -2.70 -0.61
CA TRP B 153 3.80 -3.90 0.21
C TRP B 153 3.65 -3.56 1.69
N VAL B 154 2.53 -3.93 2.27
CA VAL B 154 2.33 -3.78 3.70
C VAL B 154 2.66 -5.08 4.41
N LYS B 155 3.29 -4.97 5.57
CA LYS B 155 3.60 -6.12 6.43
C LYS B 155 3.02 -5.94 7.80
N ALA B 173 4.69 -0.99 8.24
CA ALA B 173 5.79 -1.48 7.43
C ALA B 173 5.41 -1.48 5.96
N LYS B 174 6.28 -0.91 5.13
CA LYS B 174 6.00 -0.70 3.72
C LYS B 174 7.29 -0.78 2.96
N GLU B 175 7.22 -1.32 1.75
CA GLU B 175 8.32 -1.15 0.83
C GLU B 175 7.73 -1.03 -0.56
N SER B 176 8.37 -0.20 -1.35
CA SER B 176 7.90 0.12 -2.68
C SER B 176 8.59 -0.76 -3.71
N CYS B 177 7.84 -1.10 -4.74
CA CYS B 177 8.36 -1.70 -5.94
C CYS B 177 8.00 -0.75 -7.04
N LEU B 178 9.02 -0.15 -7.66
CA LEU B 178 8.82 0.92 -8.63
C LEU B 178 8.78 0.29 -10.01
N ILE B 179 7.87 0.74 -10.86
CA ILE B 179 7.68 0.14 -12.17
C ILE B 179 7.93 1.17 -13.26
N GLY B 180 8.68 0.78 -14.29
CA GLY B 180 8.97 1.66 -15.39
C GLY B 180 8.79 0.91 -16.71
N VAL B 181 8.78 1.67 -17.79
CA VAL B 181 8.36 1.13 -19.07
C VAL B 181 9.24 1.65 -20.19
N LYS B 182 9.49 0.82 -21.19
CA LYS B 182 10.22 1.23 -22.34
C LYS B 182 9.69 0.53 -23.56
N GLY B 183 9.83 1.14 -24.73
CA GLY B 183 9.34 0.52 -25.94
C GLY B 183 7.84 0.60 -26.17
N ASP B 184 7.33 -0.31 -26.98
CA ASP B 184 5.92 -0.41 -27.26
C ASP B 184 5.33 -1.51 -26.43
N VAL B 185 4.30 -1.18 -25.67
CA VAL B 185 3.54 -2.12 -24.90
C VAL B 185 2.10 -2.17 -25.38
N ASP B 186 1.86 -1.72 -26.61
CA ASP B 186 0.52 -1.65 -27.18
C ASP B 186 0.18 -2.91 -27.93
N ASN B 187 1.07 -3.88 -27.82
CA ASN B 187 0.85 -5.21 -28.30
C ASN B 187 -0.19 -5.83 -27.41
N GLY B 188 -0.71 -6.97 -27.85
CA GLY B 188 -1.57 -7.80 -27.06
C GLY B 188 -0.78 -8.45 -25.94
N ARG B 189 0.53 -8.33 -26.02
CA ARG B 189 1.41 -9.01 -25.09
C ARG B 189 1.10 -8.58 -23.67
N PHE B 190 0.87 -7.29 -23.45
CA PHE B 190 0.60 -6.83 -22.10
C PHE B 190 -0.82 -6.35 -21.87
N LYS B 191 -1.47 -6.94 -20.87
CA LYS B 191 -2.85 -6.65 -20.57
C LYS B 191 -3.00 -5.42 -19.70
N LYS B 192 -3.86 -4.51 -20.14
CA LYS B 192 -3.99 -3.19 -19.54
C LYS B 192 -4.45 -3.06 -18.08
N ASN B 193 -5.42 -3.83 -17.61
CA ASN B 193 -5.83 -3.63 -16.23
C ASN B 193 -5.02 -4.45 -15.22
N ILE B 194 -4.54 -3.76 -14.20
CA ILE B 194 -3.59 -4.31 -13.25
C ILE B 194 -4.31 -4.70 -11.97
N ALA B 195 -4.03 -5.89 -11.45
CA ALA B 195 -4.88 -6.41 -10.40
C ALA B 195 -4.85 -5.49 -9.19
N SER B 196 -3.68 -5.04 -8.77
CA SER B 196 -3.61 -4.09 -7.68
C SER B 196 -2.29 -3.38 -7.63
N ASP B 197 -2.29 -2.20 -7.03
CA ASP B 197 -1.03 -1.56 -6.72
C ASP B 197 -0.63 -1.81 -5.28
N VAL B 198 -1.48 -2.51 -4.55
CA VAL B 198 -1.16 -2.93 -3.19
C VAL B 198 -0.88 -4.41 -3.15
N ILE B 199 0.06 -4.82 -2.32
CA ILE B 199 0.30 -6.23 -2.18
C ILE B 199 0.39 -6.57 -0.71
N PHE B 200 0.09 -7.80 -0.34
CA PHE B 200 0.06 -8.17 1.05
C PHE B 200 0.91 -9.38 1.40
N SER B 201 1.47 -9.34 2.59
CA SER B 201 2.42 -10.35 3.02
C SER B 201 1.73 -11.68 3.09
N GLU B 202 2.40 -12.72 2.65
CA GLU B 202 1.82 -14.05 2.69
C GLU B 202 1.60 -14.51 4.13
N ARG B 203 2.55 -14.20 5.01
CA ARG B 203 2.56 -14.76 6.34
C ARG B 203 2.96 -13.66 7.28
N ARG B 204 2.57 -13.74 8.54
CA ARG B 204 2.90 -12.70 9.50
C ARG B 204 4.39 -12.59 9.75
N GLY B 205 4.90 -11.36 9.77
CA GLY B 205 6.30 -11.14 10.11
C GLY B 205 7.29 -11.46 9.00
N GLN B 206 6.78 -11.69 7.79
CA GLN B 206 7.58 -12.14 6.64
C GLN B 206 8.55 -11.10 6.06
N SER B 207 9.68 -11.56 5.55
CA SER B 207 10.68 -10.68 4.96
C SER B 207 11.08 -11.05 3.54
N GLN B 208 10.78 -12.26 3.06
CA GLN B 208 10.91 -12.52 1.64
C GLN B 208 9.82 -11.79 0.89
N LYS B 209 10.15 -11.33 -0.30
CA LYS B 209 9.19 -10.59 -1.09
C LYS B 209 7.98 -11.45 -1.41
N PRO B 210 6.77 -10.90 -1.30
CA PRO B 210 5.57 -11.70 -1.42
C PRO B 210 5.43 -12.29 -2.81
N GLU B 211 4.75 -13.42 -2.88
CA GLU B 211 4.44 -14.17 -4.10
C GLU B 211 3.48 -13.50 -5.07
N GLU B 212 2.58 -12.69 -4.54
CA GLU B 212 1.54 -12.14 -5.35
C GLU B 212 2.17 -11.32 -6.47
N ILE B 213 3.42 -10.95 -6.28
CA ILE B 213 4.13 -10.17 -7.26
C ILE B 213 4.28 -10.97 -8.54
N TYR B 214 4.56 -12.25 -8.42
CA TYR B 214 4.75 -13.11 -9.55
C TYR B 214 3.45 -13.28 -10.30
N GLN B 215 2.36 -13.36 -9.57
CA GLN B 215 1.06 -13.42 -10.21
C GLN B 215 0.71 -12.13 -10.97
N TYR B 216 0.99 -10.99 -10.38
CA TYR B 216 0.68 -9.72 -11.01
C TYR B 216 1.48 -9.61 -12.28
N ILE B 217 2.72 -10.07 -12.25
CA ILE B 217 3.51 -10.08 -13.46
C ILE B 217 2.81 -10.98 -14.46
N ASN B 218 2.20 -12.04 -13.97
CA ASN B 218 1.41 -12.93 -14.80
C ASN B 218 0.24 -12.21 -15.44
N GLN B 219 -0.39 -11.31 -14.71
CA GLN B 219 -1.43 -10.45 -15.25
C GLN B 219 -0.90 -9.61 -16.40
N LEU B 220 0.19 -8.90 -16.14
CA LEU B 220 0.73 -7.98 -17.10
C LEU B 220 1.20 -8.70 -18.32
N CYS B 221 1.89 -9.80 -18.12
CA CYS B 221 2.28 -10.63 -19.22
C CYS B 221 1.86 -12.03 -18.86
N PRO B 222 0.97 -12.63 -19.78
CA PRO B 222 0.69 -14.03 -19.48
C PRO B 222 1.59 -14.92 -20.30
N ASN B 223 2.28 -15.83 -19.64
CA ASN B 223 3.17 -16.75 -20.34
C ASN B 223 4.12 -16.05 -21.33
N GLY B 224 4.74 -14.99 -20.85
CA GLY B 224 5.90 -14.34 -21.42
C GLY B 224 7.17 -14.79 -20.70
N ASN B 225 8.33 -14.34 -21.15
CA ASN B 225 9.57 -14.70 -20.47
C ASN B 225 10.25 -13.54 -19.75
N TYR B 226 10.62 -13.79 -18.51
CA TYR B 226 10.97 -12.79 -17.56
C TYR B 226 12.33 -13.07 -16.97
N LEU B 227 13.04 -12.03 -16.58
CA LEU B 227 14.36 -12.19 -15.99
C LEU B 227 14.44 -11.55 -14.63
N GLU B 228 14.99 -12.29 -13.67
CA GLU B 228 15.29 -11.73 -12.36
C GLU B 228 16.77 -11.73 -11.99
N ILE B 229 17.20 -10.60 -11.47
CA ILE B 229 18.57 -10.35 -11.11
C ILE B 229 18.57 -10.22 -9.60
N PHE B 230 19.66 -10.63 -8.97
CA PHE B 230 19.75 -10.70 -7.52
C PHE B 230 18.77 -11.68 -6.91
N ALA B 231 18.53 -12.76 -7.62
CA ALA B 231 17.62 -13.78 -7.20
C ALA B 231 18.08 -14.66 -6.03
N ARG B 232 17.10 -15.21 -5.34
CA ARG B 232 17.28 -16.12 -4.24
C ARG B 232 16.59 -17.39 -4.65
N ARG B 233 16.93 -18.47 -3.97
CA ARG B 233 16.46 -19.80 -4.26
C ARG B 233 14.95 -19.93 -4.12
N ASN B 234 14.37 -19.18 -3.20
CA ASN B 234 12.93 -19.08 -3.05
C ASN B 234 12.24 -18.25 -4.12
N ASN B 235 13.03 -17.55 -4.91
CA ASN B 235 12.53 -16.64 -5.92
C ASN B 235 12.29 -17.29 -7.26
N LEU B 236 12.42 -18.61 -7.33
CA LEU B 236 12.36 -19.27 -8.63
C LEU B 236 10.97 -19.78 -9.02
N HIS B 237 10.48 -19.31 -10.16
CA HIS B 237 9.18 -19.73 -10.66
C HIS B 237 9.40 -20.13 -12.07
N ASP B 238 8.70 -21.16 -12.54
CA ASP B 238 8.99 -21.66 -13.85
C ASP B 238 8.67 -20.63 -14.91
N ASN B 239 9.47 -20.68 -15.96
CA ASN B 239 9.44 -19.72 -17.08
C ASN B 239 10.26 -18.49 -16.75
N TRP B 240 10.85 -18.41 -15.58
CA TRP B 240 11.63 -17.25 -15.17
C TRP B 240 13.09 -17.59 -15.27
N VAL B 241 13.89 -16.63 -15.70
CA VAL B 241 15.34 -16.74 -15.66
C VAL B 241 15.82 -15.98 -14.45
N SER B 242 16.44 -16.67 -13.51
CA SER B 242 16.88 -16.06 -12.27
C SER B 242 18.40 -16.13 -12.14
N ILE B 243 19.01 -14.99 -11.82
CA ILE B 243 20.46 -14.87 -11.71
C ILE B 243 20.83 -14.29 -10.35
N GLY B 244 21.73 -14.97 -9.65
CA GLY B 244 22.18 -14.51 -8.34
C GLY B 244 23.34 -15.28 -7.76
N ASN B 245 24.11 -14.64 -6.88
CA ASN B 245 25.28 -15.24 -6.27
C ASN B 245 24.96 -16.41 -5.36
N GLU B 246 23.70 -16.59 -4.99
CA GLU B 246 23.32 -17.62 -4.04
C GLU B 246 22.44 -18.72 -4.62
N LEU B 247 22.16 -18.70 -5.92
CA LEU B 247 21.34 -19.72 -6.52
C LEU B 247 22.11 -21.00 -6.80
N ASP C 1 -44.71 6.93 -14.88
CA ASP C 1 -43.42 7.34 -15.44
C ASP C 1 -43.34 7.07 -16.91
N ASP C 2 -44.48 7.09 -17.60
CA ASP C 2 -44.50 6.91 -19.06
C ASP C 2 -43.88 5.61 -19.55
N TYR C 3 -42.80 5.72 -20.33
CA TYR C 3 -42.11 4.52 -20.83
C TYR C 3 -41.54 3.60 -19.77
N LEU C 4 -41.03 4.13 -18.66
CA LEU C 4 -40.56 3.28 -17.57
C LEU C 4 -41.66 2.72 -16.70
N ASP C 5 -42.68 3.53 -16.40
CA ASP C 5 -43.78 3.11 -15.56
C ASP C 5 -43.42 2.41 -14.23
N ARG C 6 -42.54 3.05 -13.48
CA ARG C 6 -42.26 2.70 -12.10
C ARG C 6 -43.38 2.98 -11.09
N LEU C 7 -44.12 4.07 -11.30
CA LEU C 7 -45.31 4.36 -10.53
C LEU C 7 -46.54 3.53 -10.87
N PRO C 8 -47.46 3.41 -9.82
CA PRO C 8 -48.67 2.67 -10.20
C PRO C 8 -49.56 3.39 -11.21
N LYS C 9 -50.22 2.66 -12.10
CA LYS C 9 -51.12 3.31 -13.06
C LYS C 9 -52.55 3.30 -12.58
N SER C 10 -52.81 2.49 -11.56
CA SER C 10 -54.12 2.32 -10.97
C SER C 10 -54.51 3.54 -10.16
N LYS C 11 -55.78 3.93 -10.25
CA LYS C 11 -56.31 5.05 -9.48
C LYS C 11 -56.22 4.78 -8.01
N LYS C 12 -56.48 3.54 -7.62
CA LYS C 12 -56.39 3.15 -6.22
C LYS C 12 -54.98 3.25 -5.68
N GLY C 13 -54.01 2.86 -6.48
CA GLY C 13 -52.64 2.86 -6.02
C GLY C 13 -52.00 4.22 -6.07
N LEU C 14 -52.46 5.07 -6.97
CA LEU C 14 -52.04 6.45 -7.00
C LEU C 14 -52.51 7.24 -5.81
N GLN C 15 -53.76 7.03 -5.43
CA GLN C 15 -54.34 7.70 -4.28
C GLN C 15 -53.59 7.30 -3.01
N GLY C 16 -53.27 6.05 -2.90
CA GLY C 16 -52.51 5.53 -1.80
C GLY C 16 -51.12 6.06 -1.67
N LEU C 17 -50.43 6.17 -2.79
CA LEU C 17 -49.09 6.69 -2.85
C LEU C 17 -49.10 8.14 -2.43
N LEU C 18 -50.13 8.85 -2.83
CA LEU C 18 -50.33 10.23 -2.45
C LEU C 18 -50.49 10.40 -0.95
N GLN C 19 -51.18 9.49 -0.33
CA GLN C 19 -51.26 9.48 1.12
C GLN C 19 -49.94 9.25 1.79
N ASP C 20 -49.18 8.31 1.25
CA ASP C 20 -47.86 7.97 1.72
C ASP C 20 -46.90 9.12 1.56
N ILE C 21 -46.96 9.79 0.43
CA ILE C 21 -46.15 10.95 0.18
C ILE C 21 -46.50 12.06 1.15
N GLU C 22 -47.78 12.24 1.39
CA GLU C 22 -48.22 13.30 2.27
C GLU C 22 -47.79 13.16 3.73
N LYS C 23 -47.80 11.97 4.28
CA LYS C 23 -47.26 11.76 5.60
C LYS C 23 -45.80 12.02 5.60
N ARG C 24 -45.12 11.60 4.56
CA ARG C 24 -43.67 11.74 4.51
C ARG C 24 -43.25 13.19 4.37
N ILE C 25 -44.07 14.02 3.73
CA ILE C 25 -43.81 15.45 3.71
C ILE C 25 -43.93 16.02 5.11
N LEU C 26 -44.95 15.59 5.85
CA LEU C 26 -45.08 16.05 7.21
C LEU C 26 -43.90 15.64 8.05
N HIS C 27 -43.44 14.41 7.89
CA HIS C 27 -42.33 13.94 8.70
C HIS C 27 -41.10 14.83 8.50
N TYR C 28 -40.73 15.02 7.25
CA TYR C 28 -39.55 15.78 6.90
C TYR C 28 -39.78 17.27 7.03
N LYS C 29 -41.03 17.72 6.97
CA LYS C 29 -41.30 19.12 7.21
C LYS C 29 -40.93 19.51 8.63
N GLN C 30 -41.12 18.62 9.58
CA GLN C 30 -40.77 18.96 10.93
C GLN C 30 -39.29 18.81 11.18
N LEU C 31 -38.67 17.79 10.61
CA LEU C 31 -37.23 17.70 10.68
C LEU C 31 -36.57 18.93 10.09
N PHE C 32 -37.16 19.49 9.05
CA PHE C 32 -36.60 20.71 8.50
C PHE C 32 -36.78 21.86 9.46
N PHE C 33 -37.98 22.00 10.00
CA PHE C 33 -38.23 23.06 10.97
C PHE C 33 -37.35 22.89 12.17
N LYS C 34 -37.13 21.70 12.62
CA LYS C 34 -36.27 21.53 13.73
C LYS C 34 -34.88 21.86 13.38
N GLU C 35 -34.45 21.40 12.25
CA GLU C 35 -33.09 21.68 11.86
C GLU C 35 -32.84 23.17 11.84
N GLN C 36 -33.74 23.92 11.23
CA GLN C 36 -33.46 25.33 11.08
C GLN C 36 -33.59 26.08 12.40
N ASN C 37 -34.41 25.60 13.31
CA ASN C 37 -34.45 26.23 14.62
C ASN C 37 -33.16 25.99 15.38
N GLU C 38 -32.68 24.76 15.39
CA GLU C 38 -31.46 24.45 16.11
C GLU C 38 -30.31 25.28 15.61
N ILE C 39 -30.27 25.53 14.32
CA ILE C 39 -29.25 26.36 13.67
C ILE C 39 -29.31 27.80 14.15
N ALA C 40 -30.53 28.30 14.29
CA ALA C 40 -30.82 29.67 14.71
C ALA C 40 -30.39 29.99 16.13
N ASN C 41 -30.60 29.04 17.03
CA ASN C 41 -30.00 29.09 18.35
C ASN C 41 -28.82 28.18 18.21
N GLY C 42 -27.70 28.53 18.83
CA GLY C 42 -26.46 27.81 18.57
C GLY C 42 -26.19 28.02 17.11
N LYS C 43 -25.83 26.98 16.38
CA LYS C 43 -25.50 25.68 16.93
C LYS C 43 -24.17 25.40 16.28
N ARG C 44 -23.37 24.55 16.91
CA ARG C 44 -22.03 24.32 16.44
C ARG C 44 -21.93 23.55 15.14
N SER C 45 -21.01 23.98 14.28
CA SER C 45 -20.58 23.24 13.13
C SER C 45 -19.66 22.08 13.51
N MSE C 46 -19.41 21.19 12.56
CA MSE C 46 -18.41 20.18 12.78
C MSE C 46 -17.06 20.78 12.72
O MSE C 46 -16.10 20.10 13.09
CB MSE C 46 -18.42 19.09 11.73
CG MSE C 46 -17.94 17.84 12.42
SE MSE C 46 -19.28 17.47 13.79
CE MSE C 46 -18.35 17.95 15.44
N VAL C 47 -16.98 21.99 12.20
CA VAL C 47 -15.72 22.70 12.00
C VAL C 47 -15.07 23.19 13.28
N PRO C 48 -13.71 22.84 13.40
CA PRO C 48 -13.06 23.47 14.55
C PRO C 48 -12.94 24.97 14.39
N ASP C 49 -13.02 25.69 15.50
CA ASP C 49 -13.09 27.14 15.46
C ASP C 49 -11.87 27.82 14.88
N ASN C 50 -10.73 27.20 15.02
CA ASN C 50 -9.50 27.78 14.52
C ASN C 50 -9.15 27.43 13.09
N SER C 51 -10.03 26.70 12.43
CA SER C 51 -9.91 26.46 11.01
C SER C 51 -10.08 27.75 10.26
N ILE C 52 -9.31 27.94 9.21
CA ILE C 52 -9.47 29.13 8.38
C ILE C 52 -9.88 28.70 6.97
N PRO C 53 -11.16 28.54 6.72
CA PRO C 53 -11.58 28.09 5.41
C PRO C 53 -11.73 29.24 4.43
N ILE C 54 -11.43 28.96 3.15
CA ILE C 54 -11.47 29.95 2.09
C ILE C 54 -11.98 29.30 0.81
N CYS C 55 -13.19 29.66 0.39
CA CYS C 55 -13.69 29.23 -0.92
C CYS C 55 -13.05 30.08 -1.98
N SER C 56 -12.30 29.44 -2.88
CA SER C 56 -11.66 30.07 -4.02
C SER C 56 -11.56 29.03 -5.13
N ASP C 57 -11.72 29.45 -6.37
CA ASP C 57 -11.43 28.56 -7.49
C ASP C 57 -9.93 28.55 -7.79
N VAL C 58 -9.46 27.46 -8.37
CA VAL C 58 -8.04 27.27 -8.61
C VAL C 58 -7.40 28.29 -9.57
N THR C 59 -8.13 28.63 -10.62
CA THR C 59 -7.55 29.30 -11.78
C THR C 59 -7.48 30.82 -11.65
N LYS C 60 -7.94 31.32 -10.52
CA LYS C 60 -8.02 32.74 -10.24
C LYS C 60 -7.14 33.26 -9.12
N LEU C 61 -7.02 32.49 -8.06
CA LEU C 61 -6.58 32.97 -6.75
C LEU C 61 -5.16 33.54 -6.62
N ASN C 62 -5.04 34.52 -5.75
CA ASN C 62 -3.80 35.21 -5.51
C ASN C 62 -3.24 34.93 -4.15
N PHE C 63 -1.99 34.52 -4.17
CA PHE C 63 -1.24 34.18 -3.01
C PHE C 63 -0.89 35.43 -2.27
N GLN C 64 -0.71 36.51 -3.01
CA GLN C 64 -0.12 37.69 -2.44
C GLN C 64 -0.99 38.12 -1.30
N ALA C 65 -2.30 37.99 -1.46
CA ALA C 65 -3.19 38.33 -0.38
C ALA C 65 -2.94 37.44 0.82
N LEU C 66 -2.77 36.14 0.58
CA LEU C 66 -2.45 35.17 1.62
C LEU C 66 -1.10 35.39 2.27
N ILE C 67 -0.10 35.67 1.45
CA ILE C 67 1.27 35.96 1.88
C ILE C 67 1.30 37.15 2.83
N ASP C 68 0.89 38.32 2.33
CA ASP C 68 0.94 39.53 3.13
C ASP C 68 0.23 39.31 4.45
N ALA C 69 -0.95 38.72 4.39
CA ALA C 69 -1.80 38.61 5.57
C ALA C 69 -1.21 37.64 6.56
N GLN C 70 -0.73 36.51 6.05
CA GLN C 70 0.00 35.58 6.89
C GLN C 70 1.18 36.27 7.55
N MSE C 71 1.91 37.07 6.81
CA MSE C 71 3.03 37.70 7.41
C MSE C 71 2.63 38.63 8.51
O MSE C 71 3.26 38.61 9.57
CB MSE C 71 3.83 38.45 6.37
CG MSE C 71 5.28 38.37 6.75
SE MSE C 71 5.89 36.56 6.41
CE MSE C 71 6.28 36.96 4.54
N ARG C 72 1.58 39.41 8.31
CA ARG C 72 1.16 40.35 9.33
C ARG C 72 0.70 39.70 10.61
N HIS C 73 -0.08 38.66 10.49
CA HIS C 73 -0.69 38.06 11.66
C HIS C 73 0.14 37.02 12.39
N ALA C 74 1.05 36.37 11.69
CA ALA C 74 1.91 35.41 12.33
C ALA C 74 3.37 35.78 12.32
N GLY C 75 3.78 36.53 11.32
CA GLY C 75 5.14 37.00 11.24
C GLY C 75 6.11 35.99 10.70
N LYS C 76 5.56 34.89 10.20
CA LYS C 76 6.35 33.84 9.61
C LYS C 76 5.47 33.13 8.61
N MSE C 77 6.09 32.39 7.72
CA MSE C 77 5.38 31.67 6.70
C MSE C 77 4.98 30.34 7.23
O MSE C 77 5.05 30.10 8.42
CB MSE C 77 6.17 31.59 5.42
CG MSE C 77 6.24 32.95 4.72
SE MSE C 77 4.49 33.79 4.62
CE MSE C 77 4.38 33.86 2.69
N PHE C 78 4.47 29.47 6.35
CA PHE C 78 3.97 28.16 6.73
C PHE C 78 5.00 27.12 7.08
N ASP C 79 4.76 26.41 8.16
CA ASP C 79 5.52 25.24 8.53
C ASP C 79 5.32 23.99 7.70
N VAL C 80 4.08 23.71 7.32
CA VAL C 80 3.76 22.55 6.50
C VAL C 80 2.76 22.95 5.42
N ILE C 81 2.90 22.37 4.24
CA ILE C 81 1.98 22.58 3.14
C ILE C 81 1.52 21.25 2.58
N MSE C 82 0.23 21.11 2.34
CA MSE C 82 -0.29 19.90 1.79
C MSE C 82 -1.15 20.15 0.59
O MSE C 82 -1.93 21.09 0.57
CB MSE C 82 -1.09 19.19 2.83
CG MSE C 82 -1.59 17.89 2.28
SE MSE C 82 -1.93 16.68 3.74
CE MSE C 82 -3.38 17.60 4.59
N MSE C 83 -1.00 19.32 -0.42
CA MSE C 83 -1.69 19.51 -1.65
C MSE C 83 -2.21 18.27 -2.24
O MSE C 83 -1.54 17.24 -2.18
CB MSE C 83 -0.58 19.81 -2.61
CG MSE C 83 -0.84 21.11 -3.30
SE MSE C 83 0.81 21.33 -4.27
CE MSE C 83 -0.07 21.88 -5.92
N ASP C 84 -3.36 18.35 -2.88
CA ASP C 84 -3.89 17.29 -3.68
C ASP C 84 -4.31 17.85 -5.00
N PRO C 85 -3.29 18.03 -5.93
CA PRO C 85 -3.73 18.69 -7.17
C PRO C 85 -4.76 17.90 -7.96
N PRO C 86 -5.70 18.66 -8.68
CA PRO C 86 -6.59 17.83 -9.49
C PRO C 86 -6.00 17.66 -10.89
N TRP C 87 -5.59 16.44 -11.14
CA TRP C 87 -4.87 16.06 -12.32
C TRP C 87 -5.79 16.02 -13.50
N GLN C 88 -5.23 16.11 -14.69
CA GLN C 88 -6.00 16.08 -15.90
C GLN C 88 -5.64 14.85 -16.73
N ASP C 103 -11.24 22.57 -12.83
CA ASP C 103 -11.01 21.32 -12.11
C ASP C 103 -9.84 20.54 -12.70
N SER C 104 -9.07 21.19 -13.55
CA SER C 104 -7.92 20.52 -14.12
C SER C 104 -6.76 21.46 -14.34
N LEU C 105 -5.57 21.01 -14.07
CA LEU C 105 -4.47 21.86 -14.40
C LEU C 105 -3.45 20.99 -15.05
N SER C 106 -2.83 21.54 -16.08
CA SER C 106 -1.75 20.87 -16.73
C SER C 106 -0.68 20.88 -15.69
N ASP C 107 0.24 19.95 -15.75
CA ASP C 107 1.29 19.90 -14.75
C ASP C 107 1.99 21.25 -14.76
N GLU C 108 1.89 21.93 -15.91
CA GLU C 108 2.37 23.27 -16.06
C GLU C 108 1.69 24.33 -15.19
N LYS C 109 0.36 24.35 -15.03
CA LYS C 109 -0.04 25.46 -14.20
C LYS C 109 0.05 25.11 -12.75
N ILE C 110 -0.26 23.87 -12.39
CA ILE C 110 -0.21 23.49 -11.00
C ILE C 110 1.19 23.73 -10.53
N GLN C 111 2.12 23.33 -11.36
CA GLN C 111 3.53 23.44 -11.12
C GLN C 111 4.01 24.89 -11.09
N ASN C 112 3.29 25.78 -11.74
CA ASN C 112 3.67 27.18 -11.79
C ASN C 112 3.30 27.98 -10.55
N MSE C 113 2.47 27.40 -9.70
CA MSE C 113 2.06 28.08 -8.50
C MSE C 113 3.28 28.35 -7.73
O MSE C 113 4.17 27.51 -7.79
CB MSE C 113 1.29 27.10 -7.66
CG MSE C 113 -0.07 26.83 -8.26
SE MSE C 113 -0.76 25.31 -7.28
CE MSE C 113 -1.97 26.26 -6.09
N PRO C 114 3.39 29.46 -7.04
CA PRO C 114 4.66 29.72 -6.36
C PRO C 114 4.75 29.26 -4.91
N ILE C 115 5.16 28.02 -4.71
CA ILE C 115 5.34 27.42 -3.41
C ILE C 115 6.44 28.09 -2.59
N GLN C 116 7.47 28.56 -3.28
CA GLN C 116 8.59 29.21 -2.66
C GLN C 116 8.23 30.47 -1.89
N SER C 117 7.27 31.24 -2.37
CA SER C 117 6.78 32.36 -1.59
C SER C 117 6.11 31.87 -0.33
N LEU C 118 5.39 30.77 -0.47
CA LEU C 118 4.57 30.19 0.58
C LEU C 118 5.24 29.63 1.82
N GLN C 119 6.39 28.99 1.65
CA GLN C 119 7.12 28.46 2.77
C GLN C 119 8.59 28.48 2.48
N GLN C 120 9.39 28.80 3.48
CA GLN C 120 10.83 28.71 3.33
C GLN C 120 11.50 27.68 4.18
N ASP C 121 10.95 27.37 5.34
CA ASP C 121 11.43 26.22 6.08
C ASP C 121 10.27 25.38 6.50
N GLY C 122 10.21 24.17 5.99
CA GLY C 122 9.23 23.23 6.45
C GLY C 122 9.12 22.04 5.57
N PHE C 123 8.16 21.23 5.90
CA PHE C 123 7.80 20.09 5.10
C PHE C 123 6.68 20.42 4.13
N ILE C 124 6.65 19.74 3.01
CA ILE C 124 5.51 19.77 2.10
C ILE C 124 5.02 18.35 1.82
N PHE C 125 3.71 18.21 1.64
CA PHE C 125 3.09 16.92 1.34
C PHE C 125 2.27 17.04 0.06
N VAL C 126 2.50 16.16 -0.90
CA VAL C 126 1.75 16.18 -2.15
C VAL C 126 1.14 14.80 -2.42
N TRP C 127 -0.17 14.75 -2.52
CA TRP C 127 -0.84 13.52 -2.91
C TRP C 127 -0.68 13.30 -4.40
N ALA C 128 -0.31 12.09 -4.76
CA ALA C 128 -0.19 11.73 -6.14
C ALA C 128 -0.92 10.43 -6.45
N ILE C 129 -1.66 10.42 -7.54
CA ILE C 129 -2.17 9.18 -8.06
C ILE C 129 -1.02 8.59 -8.85
N ASN C 130 -1.14 7.32 -9.23
CA ASN C 130 0.00 6.61 -9.78
C ASN C 130 0.55 7.24 -11.05
N ALA C 131 -0.35 7.74 -11.88
CA ALA C 131 0.09 8.25 -13.15
C ALA C 131 1.12 9.34 -12.96
N LYS C 132 0.91 10.15 -11.95
CA LYS C 132 1.63 11.39 -11.78
C LYS C 132 2.78 11.39 -10.80
N TYR C 133 3.21 10.24 -10.31
CA TYR C 133 4.24 10.19 -9.30
C TYR C 133 5.49 10.86 -9.80
N ARG C 134 5.86 10.58 -11.03
CA ARG C 134 7.04 11.20 -11.60
C ARG C 134 6.90 12.68 -11.78
N VAL C 135 5.76 13.14 -12.26
CA VAL C 135 5.61 14.57 -12.46
C VAL C 135 5.63 15.28 -11.10
N THR C 136 5.04 14.66 -10.09
CA THR C 136 5.01 15.25 -8.75
C THR C 136 6.41 15.39 -8.19
N ILE C 137 7.28 14.43 -8.44
CA ILE C 137 8.64 14.51 -7.90
C ILE C 137 9.38 15.68 -8.51
N LYS C 138 9.28 15.83 -9.81
CA LYS C 138 9.99 16.89 -10.47
C LYS C 138 9.53 18.22 -9.95
N MSE C 139 8.25 18.34 -9.71
CA MSE C 139 7.71 19.56 -9.20
C MSE C 139 8.21 19.99 -7.88
O MSE C 139 8.52 21.16 -7.73
CB MSE C 139 6.29 19.25 -8.93
CG MSE C 139 5.40 20.35 -9.42
SE MSE C 139 3.70 19.45 -9.26
CE MSE C 139 3.15 19.69 -11.11
N ILE C 140 8.27 19.10 -6.91
CA ILE C 140 8.77 19.51 -5.61
C ILE C 140 10.23 19.86 -5.58
N GLU C 141 11.01 19.14 -6.35
CA GLU C 141 12.40 19.45 -6.51
C GLU C 141 12.61 20.81 -7.18
N ASN C 142 11.79 21.12 -8.16
CA ASN C 142 11.76 22.44 -8.74
C ASN C 142 11.34 23.53 -7.77
N TRP C 143 10.41 23.23 -6.90
CA TRP C 143 9.96 24.18 -5.89
C TRP C 143 11.02 24.33 -4.82
N GLY C 144 12.12 23.63 -4.98
CA GLY C 144 13.28 23.77 -4.13
C GLY C 144 13.36 22.81 -2.98
N TYR C 145 12.39 21.95 -2.90
CA TYR C 145 12.37 20.93 -1.89
C TYR C 145 13.20 19.76 -2.34
N LYS C 146 13.29 18.81 -1.46
CA LYS C 146 14.13 17.63 -1.55
C LYS C 146 13.39 16.41 -1.05
N LEU C 147 13.22 15.40 -1.88
CA LEU C 147 12.36 14.30 -1.50
C LEU C 147 12.94 13.53 -0.34
N VAL C 148 12.15 13.33 0.70
CA VAL C 148 12.65 12.77 1.95
C VAL C 148 11.80 11.60 2.40
N ASP C 149 10.59 11.44 1.88
CA ASP C 149 9.76 10.32 2.33
C ASP C 149 8.48 10.23 1.50
N GLU C 150 7.70 9.19 1.78
CA GLU C 150 6.43 8.97 1.11
C GLU C 150 5.50 8.19 2.02
N ILE C 151 4.27 8.68 2.18
CA ILE C 151 3.27 8.05 3.02
C ILE C 151 2.23 7.43 2.12
N THR C 152 1.91 6.18 2.39
CA THR C 152 0.99 5.41 1.57
C THR C 152 -0.29 5.12 2.34
N TRP C 153 -1.43 5.39 1.73
CA TRP C 153 -2.72 5.17 2.38
C TRP C 153 -3.54 4.15 1.63
N VAL C 154 -3.95 3.09 2.29
CA VAL C 154 -4.67 2.02 1.62
C VAL C 154 -6.12 1.93 2.02
N LYS C 155 -7.00 1.93 1.03
CA LYS C 155 -8.42 1.82 1.26
C LYS C 155 -8.82 0.39 1.66
N ALA C 173 -6.52 0.96 -5.25
CA ALA C 173 -6.91 1.01 -3.85
C ALA C 173 -5.73 1.42 -2.98
N LYS C 174 -5.10 2.52 -3.39
CA LYS C 174 -3.92 3.04 -2.72
C LYS C 174 -3.86 4.52 -3.02
N GLU C 175 -3.35 5.30 -2.08
CA GLU C 175 -2.98 6.68 -2.31
C GLU C 175 -1.67 6.94 -1.62
N SER C 176 -0.84 7.73 -2.26
CA SER C 176 0.48 8.05 -1.75
C SER C 176 0.63 9.54 -1.62
N CYS C 177 1.43 9.92 -0.65
CA CYS C 177 1.74 11.30 -0.31
C CYS C 177 3.24 11.43 -0.33
N LEU C 178 3.76 12.18 -1.28
CA LEU C 178 5.19 12.44 -1.38
C LEU C 178 5.58 13.59 -0.47
N ILE C 179 6.73 13.50 0.17
CA ILE C 179 7.10 14.43 1.21
C ILE C 179 8.45 15.02 0.90
N GLY C 180 8.50 16.34 0.73
CA GLY C 180 9.74 17.06 0.56
C GLY C 180 10.07 17.96 1.75
N VAL C 181 11.24 18.58 1.68
CA VAL C 181 11.70 19.44 2.75
C VAL C 181 12.68 20.46 2.19
N LYS C 182 12.66 21.65 2.78
CA LYS C 182 13.60 22.70 2.47
C LYS C 182 13.90 23.46 3.75
N GLY C 183 15.01 24.21 3.72
CA GLY C 183 15.36 25.13 4.75
C GLY C 183 15.78 24.44 6.03
N ASP C 184 15.66 25.18 7.11
CA ASP C 184 16.17 24.75 8.41
C ASP C 184 15.05 24.08 9.19
N VAL C 185 15.20 22.77 9.35
CA VAL C 185 14.21 21.92 10.02
C VAL C 185 14.71 21.41 11.37
N ASP C 186 15.94 21.73 11.75
CA ASP C 186 16.49 21.32 13.02
C ASP C 186 16.43 22.35 14.13
N ASN C 187 15.66 23.40 13.94
CA ASN C 187 15.47 24.48 14.91
C ASN C 187 14.65 24.16 16.16
N GLY C 188 13.98 23.04 16.18
CA GLY C 188 13.12 22.72 17.30
C GLY C 188 11.64 22.91 17.09
N ARG C 189 11.19 23.64 16.09
CA ARG C 189 9.84 23.36 15.64
C ARG C 189 9.54 21.93 15.25
N PHE C 190 10.43 21.21 14.61
CA PHE C 190 10.04 19.90 14.13
C PHE C 190 10.58 18.78 15.00
N LYS C 191 9.85 17.69 15.11
CA LYS C 191 10.22 16.60 15.99
C LYS C 191 10.68 15.39 15.21
N LYS C 192 11.81 14.84 15.62
CA LYS C 192 12.46 13.74 14.93
C LYS C 192 11.75 12.39 14.91
N ASN C 193 11.12 11.97 15.99
CA ASN C 193 10.48 10.67 15.89
C ASN C 193 9.15 10.77 15.12
N ILE C 194 9.11 10.05 14.01
CA ILE C 194 7.99 10.09 13.09
C ILE C 194 7.33 8.78 13.35
N ALA C 195 6.05 8.81 13.72
CA ALA C 195 5.41 7.59 14.13
C ALA C 195 5.21 6.50 13.08
N SER C 196 4.71 6.80 11.88
CA SER C 196 4.54 5.72 10.90
C SER C 196 4.28 6.01 9.43
N ASP C 197 4.84 5.16 8.59
CA ASP C 197 4.69 5.18 7.15
C ASP C 197 3.35 4.82 6.52
N VAL C 198 2.65 3.84 7.10
CA VAL C 198 1.43 3.34 6.51
C VAL C 198 0.25 3.70 7.38
N ILE C 199 -0.79 4.23 6.76
CA ILE C 199 -1.96 4.63 7.46
C ILE C 199 -3.18 3.95 6.84
N PHE C 200 -4.05 3.39 7.65
CA PHE C 200 -5.24 2.74 7.13
C PHE C 200 -6.55 3.53 7.24
N SER C 201 -6.48 4.65 7.91
CA SER C 201 -7.68 5.31 8.41
C SER C 201 -8.52 5.80 7.24
N GLU C 202 -9.78 6.15 7.48
CA GLU C 202 -10.35 6.17 8.83
C GLU C 202 -11.33 5.02 9.07
N ARG C 203 -12.03 4.62 8.00
CA ARG C 203 -13.02 3.53 8.06
C ARG C 203 -13.27 2.96 6.67
N ARG C 204 -13.88 1.78 6.60
CA ARG C 204 -14.11 1.10 5.33
C ARG C 204 -14.85 1.99 4.34
N GLY C 205 -14.50 1.89 3.08
CA GLY C 205 -15.19 2.63 2.04
C GLY C 205 -15.23 4.14 2.20
N GLN C 206 -14.16 4.76 2.67
CA GLN C 206 -14.15 6.22 2.73
C GLN C 206 -13.27 6.79 1.64
N SER C 207 -13.85 7.72 0.89
CA SER C 207 -13.15 8.47 -0.13
C SER C 207 -12.10 9.45 0.37
N GLN C 208 -12.45 10.24 1.38
CA GLN C 208 -11.67 11.42 1.78
C GLN C 208 -10.37 11.11 2.50
N LYS C 209 -9.43 12.04 2.50
CA LYS C 209 -8.13 11.79 3.08
C LYS C 209 -8.26 11.51 4.55
N PRO C 210 -7.37 10.55 5.03
CA PRO C 210 -7.64 10.15 6.41
C PRO C 210 -7.27 11.16 7.45
N GLU C 211 -7.86 10.97 8.62
CA GLU C 211 -7.57 11.73 9.81
C GLU C 211 -6.13 11.58 10.27
N GLU C 212 -5.55 10.41 10.10
CA GLU C 212 -4.21 10.20 10.62
C GLU C 212 -3.19 11.16 10.03
N ILE C 213 -3.40 11.61 8.80
CA ILE C 213 -2.44 12.49 8.15
C ILE C 213 -2.32 13.80 8.92
N TYR C 214 -3.44 14.28 9.42
CA TYR C 214 -3.49 15.44 10.27
C TYR C 214 -2.79 15.30 11.61
N GLN C 215 -2.92 14.14 12.22
CA GLN C 215 -2.16 13.80 13.40
C GLN C 215 -0.68 13.67 13.18
N TYR C 216 -0.28 13.08 12.06
CA TYR C 216 1.12 12.90 11.77
C TYR C 216 1.76 14.26 11.62
N ILE C 217 1.07 15.17 10.96
CA ILE C 217 1.51 16.54 10.81
C ILE C 217 1.58 17.28 12.14
N ASN C 218 0.61 17.03 13.01
CA ASN C 218 0.63 17.56 14.35
C ASN C 218 1.79 17.06 15.18
N GLN C 219 2.12 15.80 15.04
CA GLN C 219 3.30 15.30 15.67
C GLN C 219 4.56 15.96 15.12
N LEU C 220 4.63 16.11 13.81
CA LEU C 220 5.79 16.66 13.15
C LEU C 220 6.02 18.08 13.60
N CYS C 221 4.94 18.85 13.60
CA CYS C 221 4.95 20.24 13.95
C CYS C 221 3.77 20.54 14.82
N PRO C 222 3.93 20.27 16.18
CA PRO C 222 2.77 20.68 16.98
C PRO C 222 2.68 22.19 17.04
N ASN C 223 1.49 22.74 17.04
CA ASN C 223 1.31 24.15 17.28
C ASN C 223 1.81 25.02 16.16
N GLY C 224 1.94 24.43 14.99
CA GLY C 224 2.46 25.09 13.82
C GLY C 224 1.50 25.86 12.95
N ASN C 225 2.02 26.37 11.85
CA ASN C 225 1.20 27.00 10.83
C ASN C 225 1.20 26.13 9.63
N TYR C 226 0.02 25.69 9.23
CA TYR C 226 -0.18 24.77 8.14
C TYR C 226 -1.13 25.33 7.08
N LEU C 227 -0.93 24.90 5.85
CA LEU C 227 -1.76 25.34 4.73
C LEU C 227 -2.02 24.18 3.78
N GLU C 228 -3.29 23.96 3.47
CA GLU C 228 -3.75 22.99 2.50
C GLU C 228 -4.34 23.63 1.27
N ILE C 229 -3.94 23.15 0.11
CA ILE C 229 -4.41 23.66 -1.16
C ILE C 229 -5.26 22.60 -1.81
N PHE C 230 -6.33 23.01 -2.47
CA PHE C 230 -7.36 22.10 -2.96
C PHE C 230 -8.09 21.30 -1.90
N ALA C 231 -8.41 21.94 -0.78
CA ALA C 231 -9.12 21.29 0.32
C ALA C 231 -10.62 21.02 0.17
N ARG C 232 -11.11 20.09 0.99
CA ARG C 232 -12.51 19.68 1.05
C ARG C 232 -13.11 20.09 2.37
N ARG C 233 -14.38 20.44 2.35
CA ARG C 233 -15.02 21.03 3.51
C ARG C 233 -14.85 20.06 4.66
N ASN C 234 -14.92 18.78 4.33
CA ASN C 234 -14.89 17.73 5.34
C ASN C 234 -13.66 17.69 6.21
N ASN C 235 -12.52 18.11 5.68
CA ASN C 235 -11.30 17.96 6.42
C ASN C 235 -10.54 19.27 6.60
N LEU C 236 -11.07 20.08 7.49
CA LEU C 236 -10.43 21.26 7.99
C LEU C 236 -10.30 21.08 9.48
N HIS C 237 -9.26 21.65 10.07
CA HIS C 237 -8.91 21.44 11.46
C HIS C 237 -8.40 22.77 11.92
N ASP C 238 -8.31 23.03 13.22
CA ASP C 238 -7.71 24.29 13.64
C ASP C 238 -6.24 24.43 13.38
N ASN C 239 -5.89 25.68 13.16
CA ASN C 239 -4.55 26.12 12.93
C ASN C 239 -4.32 25.84 11.49
N TRP C 240 -5.29 25.16 10.86
CA TRP C 240 -5.07 24.92 9.44
C TRP C 240 -5.78 25.96 8.58
N VAL C 241 -5.22 26.21 7.42
CA VAL C 241 -5.68 27.20 6.47
C VAL C 241 -5.97 26.47 5.17
N SER C 242 -7.24 26.39 4.81
CA SER C 242 -7.66 25.53 3.73
C SER C 242 -8.17 26.35 2.54
N ILE C 243 -7.80 25.95 1.34
CA ILE C 243 -8.20 26.67 0.14
C ILE C 243 -8.73 25.66 -0.87
N GLY C 244 -9.81 26.01 -1.53
CA GLY C 244 -10.49 25.04 -2.36
C GLY C 244 -11.83 25.51 -2.86
N ASN C 245 -12.20 25.05 -4.04
CA ASN C 245 -13.36 25.61 -4.71
C ASN C 245 -14.67 25.22 -4.04
N GLU C 246 -14.69 24.26 -3.13
CA GLU C 246 -15.95 23.87 -2.54
C GLU C 246 -16.03 24.04 -1.04
N LEU C 247 -15.11 24.76 -0.44
CA LEU C 247 -15.25 25.08 0.97
C LEU C 247 -16.43 26.02 1.12
N ALA D 147 -39.26 13.38 -18.54
CA ALA D 147 -40.71 13.32 -18.39
C ALA D 147 -41.08 11.95 -17.91
N PRO D 148 -40.13 11.28 -17.29
CA PRO D 148 -40.38 9.97 -16.77
C PRO D 148 -40.10 10.10 -15.29
N GLN D 149 -40.80 9.33 -14.47
CA GLN D 149 -40.52 9.34 -13.07
C GLN D 149 -39.45 8.33 -12.90
N TYR D 150 -38.22 8.76 -12.93
CA TYR D 150 -37.16 7.76 -12.75
C TYR D 150 -36.94 7.17 -11.37
N MSE D 151 -37.66 7.64 -10.37
CA MSE D 151 -37.36 7.27 -9.00
C MSE D 151 -38.64 7.07 -8.21
O MSE D 151 -39.54 7.88 -8.28
CB MSE D 151 -36.49 8.35 -8.36
CG MSE D 151 -35.30 7.85 -7.58
SE MSE D 151 -34.05 9.25 -7.05
CE MSE D 151 -33.51 8.45 -5.44
N THR D 152 -38.71 5.97 -7.49
CA THR D 152 -39.83 5.69 -6.61
C THR D 152 -39.64 6.40 -5.28
N LEU D 153 -40.68 6.32 -4.43
CA LEU D 153 -40.58 6.89 -3.09
C LEU D 153 -39.50 6.20 -2.28
N GLU D 154 -39.40 4.90 -2.41
CA GLU D 154 -38.41 4.16 -1.69
C GLU D 154 -37.02 4.57 -2.06
N ASP D 155 -36.81 4.85 -3.32
CA ASP D 155 -35.57 5.41 -3.82
C ASP D 155 -35.25 6.78 -3.26
N ILE D 156 -36.23 7.66 -3.19
CA ILE D 156 -36.03 9.01 -2.73
C ILE D 156 -35.54 8.97 -1.30
N GLU D 157 -36.11 8.05 -0.55
CA GLU D 157 -35.70 7.74 0.81
C GLU D 157 -34.30 7.16 0.92
N ASN D 158 -33.92 6.36 -0.05
CA ASN D 158 -32.62 5.70 -0.11
C ASN D 158 -31.39 6.54 -0.41
N GLU D 159 -31.57 7.63 -1.10
CA GLU D 159 -30.49 8.56 -1.37
C GLU D 159 -30.15 9.32 -0.14
N LYS D 160 -28.92 9.79 -0.07
CA LYS D 160 -28.52 10.56 1.08
C LYS D 160 -28.85 12.01 0.82
N PHE D 161 -29.99 12.42 1.32
CA PHE D 161 -30.66 13.63 0.92
C PHE D 161 -30.78 14.49 2.13
N THR D 162 -30.54 15.76 1.98
CA THR D 162 -30.84 16.69 3.05
C THR D 162 -32.34 16.87 3.15
N ASN D 163 -32.79 17.34 4.30
CA ASN D 163 -34.20 17.64 4.51
C ASN D 163 -34.80 18.41 3.36
N LEU D 164 -34.11 19.44 2.90
CA LEU D 164 -34.66 20.25 1.83
C LEU D 164 -34.63 19.51 0.50
N GLU D 165 -33.59 18.70 0.26
CA GLU D 165 -33.51 17.97 -0.99
C GLU D 165 -34.63 16.93 -1.09
N ILE D 166 -34.85 16.18 -0.02
CA ILE D 166 -35.85 15.13 -0.10
C ILE D 166 -37.25 15.72 -0.10
N LEU D 167 -37.45 16.88 0.52
CA LEU D 167 -38.74 17.56 0.45
C LEU D 167 -39.01 18.11 -0.94
N THR D 168 -37.98 18.46 -1.69
CA THR D 168 -38.22 18.91 -3.05
C THR D 168 -38.65 17.75 -3.93
N HIS D 169 -37.92 16.64 -3.86
CA HIS D 169 -38.32 15.44 -4.57
C HIS D 169 -39.71 14.98 -4.20
N LEU D 170 -40.06 15.05 -2.92
CA LEU D 170 -41.39 14.65 -2.49
C LEU D 170 -42.46 15.54 -3.11
N TYR D 171 -42.28 16.84 -3.02
CA TYR D 171 -43.21 17.76 -3.65
C TYR D 171 -43.31 17.51 -5.13
N ASN D 172 -42.17 17.36 -5.80
CA ASN D 172 -42.20 17.08 -7.21
C ASN D 172 -42.94 15.79 -7.52
N LEU D 173 -42.67 14.72 -6.77
CA LEU D 173 -43.43 13.51 -6.95
C LEU D 173 -44.90 13.76 -6.71
N LYS D 174 -45.22 14.38 -5.58
CA LYS D 174 -46.60 14.71 -5.29
C LYS D 174 -47.21 15.50 -6.44
N ALA D 175 -46.51 16.52 -6.92
CA ALA D 175 -47.08 17.29 -8.02
C ALA D 175 -47.34 16.43 -9.23
N GLU D 176 -46.71 15.28 -9.33
CA GLU D 176 -46.89 14.43 -10.49
C GLU D 176 -48.03 13.45 -10.31
N ILE D 177 -48.17 12.92 -9.09
CA ILE D 177 -49.28 12.03 -8.79
C ILE D 177 -50.59 12.76 -9.01
N VAL D 178 -50.65 14.00 -8.55
CA VAL D 178 -51.86 14.79 -8.67
C VAL D 178 -52.26 14.90 -10.12
N ARG D 179 -51.30 15.21 -10.96
CA ARG D 179 -51.63 15.50 -12.33
C ARG D 179 -52.07 14.26 -13.09
N ARG D 180 -51.51 13.08 -12.78
CA ARG D 180 -52.05 11.89 -13.42
C ARG D 180 -53.41 11.52 -12.84
N LEU D 181 -53.69 11.93 -11.60
CA LEU D 181 -55.02 11.64 -11.09
C LEU D 181 -56.05 12.48 -11.80
N ALA D 182 -55.65 13.64 -12.33
CA ALA D 182 -56.56 14.53 -13.01
C ALA D 182 -57.00 14.00 -14.34
N GLU D 183 -56.60 12.79 -14.67
CA GLU D 183 -56.84 12.21 -15.98
C GLU D 183 -57.71 10.98 -15.91
N LYS E 160 17.97 -22.27 10.43
CA LYS E 160 18.14 -23.60 10.99
C LYS E 160 19.40 -24.25 10.50
N PHE E 161 19.93 -25.19 11.27
CA PHE E 161 21.15 -25.89 10.93
C PHE E 161 20.85 -27.10 10.10
N THR E 162 21.75 -27.51 9.23
CA THR E 162 21.53 -28.77 8.55
C THR E 162 22.23 -29.89 9.30
N ASN E 163 21.90 -31.12 8.92
CA ASN E 163 22.50 -32.27 9.57
C ASN E 163 24.02 -32.19 9.54
N LEU E 164 24.57 -31.72 8.44
CA LEU E 164 26.02 -31.65 8.30
C LEU E 164 26.62 -30.55 9.11
N GLU E 165 25.94 -29.41 9.21
CA GLU E 165 26.43 -28.34 10.07
C GLU E 165 26.40 -28.77 11.53
N ILE E 166 25.32 -29.41 11.96
CA ILE E 166 25.26 -29.89 13.32
C ILE E 166 26.43 -30.82 13.61
N LEU E 167 26.63 -31.81 12.74
CA LEU E 167 27.72 -32.75 12.94
C LEU E 167 29.08 -32.07 12.96
N THR E 168 29.28 -31.03 12.17
CA THR E 168 30.52 -30.30 12.21
C THR E 168 30.72 -29.61 13.56
N HIS E 169 29.67 -28.96 14.08
CA HIS E 169 29.73 -28.40 15.44
C HIS E 169 30.03 -29.46 16.47
N LEU E 170 29.31 -30.58 16.42
CA LEU E 170 29.56 -31.66 17.36
C LEU E 170 31.00 -32.16 17.25
N TYR E 171 31.49 -32.36 16.05
CA TYR E 171 32.87 -32.80 15.92
C TYR E 171 33.84 -31.77 16.47
N ASN E 172 33.64 -30.50 16.15
CA ASN E 172 34.50 -29.46 16.69
C ASN E 172 34.47 -29.44 18.20
N LEU E 173 33.27 -29.53 18.76
CA LEU E 173 33.12 -29.58 20.20
C LEU E 173 33.92 -30.72 20.79
N LYS E 174 33.67 -31.92 20.30
CA LYS E 174 34.37 -33.10 20.78
C LYS E 174 35.87 -32.87 20.85
N ALA E 175 36.46 -32.32 19.80
CA ALA E 175 37.89 -32.07 19.83
C ALA E 175 38.28 -31.21 21.02
N GLU E 176 37.63 -30.07 21.17
CA GLU E 176 37.92 -29.17 22.27
C GLU E 176 37.84 -29.88 23.60
N ILE E 177 36.79 -30.64 23.82
CA ILE E 177 36.70 -31.43 25.03
C ILE E 177 37.89 -32.36 25.14
N VAL E 178 37.97 -33.35 24.24
CA VAL E 178 39.05 -34.30 24.23
C VAL E 178 40.36 -33.60 24.52
N ARG E 179 40.53 -32.39 23.99
CA ARG E 179 41.75 -31.66 24.27
C ARG E 179 41.74 -31.05 25.66
N ARG E 180 40.58 -30.76 26.25
CA ARG E 180 40.61 -30.37 27.64
C ARG E 180 40.82 -31.56 28.54
N LEU E 181 40.31 -32.72 28.14
CA LEU E 181 40.68 -33.93 28.85
C LEU E 181 42.14 -34.26 28.65
N ALA E 182 42.69 -33.93 27.48
CA ALA E 182 44.13 -34.06 27.26
C ALA E 182 44.88 -33.22 28.27
N GLU E 183 44.67 -31.92 28.24
CA GLU E 183 45.44 -30.98 29.01
C GLU E 183 45.39 -31.42 30.45
N GLN E 184 44.29 -32.00 30.85
CA GLN E 184 44.18 -32.43 32.23
C GLN E 184 45.13 -33.58 32.49
N PRO F 11 2.98 32.55 15.13
CA PRO F 11 1.61 32.78 15.58
C PRO F 11 1.42 32.50 17.08
N LEU F 12 1.57 33.52 17.90
CA LEU F 12 1.44 33.38 19.35
C LEU F 12 0.07 32.98 19.90
N ASP F 13 -1.02 33.55 19.39
CA ASP F 13 -2.34 33.13 19.79
C ASP F 13 -3.13 32.74 18.57
N PHE F 14 -3.47 31.47 18.47
CA PHE F 14 -4.21 31.01 17.31
C PHE F 14 -5.61 31.56 17.22
N THR F 15 -6.31 31.61 18.32
CA THR F 15 -7.72 31.93 18.25
C THR F 15 -7.91 33.32 17.68
N GLN F 16 -7.09 34.25 18.13
CA GLN F 16 -7.04 35.57 17.52
C GLN F 16 -6.48 35.59 16.11
N TYR F 17 -5.47 34.77 15.88
CA TYR F 17 -4.84 34.67 14.58
C TYR F 17 -5.83 34.17 13.56
N ALA F 18 -6.59 33.16 13.95
CA ALA F 18 -7.63 32.61 13.11
C ALA F 18 -8.78 33.57 12.87
N LYS F 19 -9.20 34.26 13.92
CA LYS F 19 -10.17 35.30 13.74
C LYS F 19 -9.61 36.35 12.84
N ASN F 20 -8.37 36.72 13.03
CA ASN F 20 -7.80 37.79 12.23
C ASN F 20 -7.79 37.40 10.76
N MSE F 21 -7.11 36.33 10.43
CA MSE F 21 -6.93 35.88 9.07
C MSE F 21 -8.19 35.57 8.39
O MSE F 21 -8.32 35.81 7.18
CB MSE F 21 -6.19 34.57 9.11
CG MSE F 21 -4.86 34.73 9.79
SE MSE F 21 -3.55 34.78 8.38
CE MSE F 21 -4.37 36.15 7.29
N ARG F 22 -9.13 35.00 9.13
CA ARG F 22 -10.44 34.70 8.57
C ARG F 22 -11.10 35.95 8.07
N LYS F 23 -10.93 37.06 8.78
CA LYS F 23 -11.54 38.31 8.37
C LYS F 23 -11.01 38.75 7.00
N ASP F 24 -9.69 38.73 6.90
CA ASP F 24 -8.95 39.12 5.72
C ASP F 24 -9.16 38.26 4.49
N LEU F 25 -9.29 36.95 4.68
CA LEU F 25 -9.29 36.06 3.54
C LEU F 25 -10.56 35.26 3.26
N SER F 26 -11.41 35.14 4.26
CA SER F 26 -12.65 34.38 4.11
C SER F 26 -13.79 35.15 3.49
N ASN F 27 -14.74 34.43 2.92
CA ASN F 27 -15.94 35.02 2.34
C ASN F 27 -16.92 35.52 3.37
N GLN F 28 -17.82 36.39 2.97
CA GLN F 28 -18.75 36.99 3.92
C GLN F 28 -19.70 36.02 4.55
N ASP F 29 -20.13 35.01 3.83
CA ASP F 29 -20.88 33.93 4.41
C ASP F 29 -20.12 33.05 5.41
N ILE F 30 -18.86 32.80 5.12
CA ILE F 30 -18.01 31.95 5.93
C ILE F 30 -17.77 32.45 7.35
N CYS F 31 -17.62 33.75 7.52
CA CYS F 31 -17.43 34.27 8.86
C CYS F 31 -18.17 35.55 9.19
N LEU F 32 -18.30 35.75 10.49
CA LEU F 32 -18.97 36.89 11.04
C LEU F 32 -18.10 38.11 11.03
N GLU F 33 -18.74 39.20 11.43
CA GLU F 33 -18.16 40.49 11.70
C GLU F 33 -17.15 40.33 12.82
N ASP F 34 -17.50 39.50 13.77
CA ASP F 34 -16.68 39.24 14.93
C ASP F 34 -15.38 38.58 14.45
N GLY F 35 -15.44 38.02 13.25
CA GLY F 35 -14.33 37.29 12.66
C GLY F 35 -14.34 35.83 13.07
N ALA F 36 -15.29 35.51 13.93
CA ALA F 36 -15.49 34.19 14.44
C ALA F 36 -16.05 33.36 13.33
N LEU F 37 -15.77 32.08 13.38
CA LEU F 37 -16.26 31.18 12.39
C LEU F 37 -17.77 31.15 12.50
N ASN F 38 -18.41 31.30 11.36
CA ASN F 38 -19.87 31.26 11.30
C ASN F 38 -20.29 29.83 11.10
N HIS F 39 -20.69 29.15 12.18
CA HIS F 39 -20.99 27.73 12.07
C HIS F 39 -22.20 27.45 11.17
N SER F 40 -23.13 28.40 11.03
CA SER F 40 -24.36 28.08 10.31
C SER F 40 -24.07 27.74 8.86
N TYR F 41 -23.04 28.34 8.31
CA TYR F 41 -22.64 28.09 6.93
C TYR F 41 -22.21 26.66 6.72
N PHE F 42 -21.56 26.09 7.70
CA PHE F 42 -21.06 24.73 7.61
C PHE F 42 -22.05 23.66 8.04
N LEU F 43 -23.24 24.09 8.42
CA LEU F 43 -24.35 23.21 8.67
C LEU F 43 -25.29 23.05 7.47
N THR F 44 -25.01 23.77 6.40
CA THR F 44 -25.81 23.66 5.22
C THR F 44 -24.93 23.28 4.06
N LYS F 45 -25.43 22.40 3.21
CA LYS F 45 -24.70 21.87 2.09
C LYS F 45 -24.30 23.04 1.23
N LYS F 46 -23.15 22.97 0.58
CA LYS F 46 -22.68 24.10 -0.19
C LYS F 46 -23.58 24.40 -1.39
N GLY F 47 -23.83 25.67 -1.67
CA GLY F 47 -24.72 26.08 -2.71
C GLY F 47 -26.16 26.09 -2.31
N GLN F 48 -26.49 25.60 -1.11
CA GLN F 48 -27.85 25.64 -0.59
C GLN F 48 -27.99 26.55 0.61
N TYR F 49 -26.97 27.35 0.89
CA TYR F 49 -27.01 28.21 2.06
C TYR F 49 -27.91 29.39 1.87
N TRP F 50 -28.73 29.64 2.88
CA TRP F 50 -29.70 30.68 2.87
C TRP F 50 -29.18 31.81 3.73
N THR F 51 -29.10 32.98 3.14
CA THR F 51 -28.52 34.15 3.77
C THR F 51 -29.52 35.13 4.33
N PRO F 52 -28.96 36.11 5.15
CA PRO F 52 -29.90 37.16 5.56
C PRO F 52 -30.47 38.01 4.42
N LEU F 53 -29.69 38.31 3.40
CA LEU F 53 -30.25 38.98 2.24
C LEU F 53 -31.31 38.10 1.62
N ASN F 54 -31.10 36.79 1.67
CA ASN F 54 -32.02 35.82 1.12
C ASN F 54 -33.36 35.91 1.82
N GLN F 55 -33.30 35.99 3.14
CA GLN F 55 -34.49 36.08 3.95
C GLN F 55 -35.31 37.33 3.73
N LYS F 56 -34.63 38.46 3.67
CA LYS F 56 -35.24 39.75 3.46
C LYS F 56 -35.88 39.83 2.11
N ALA F 57 -35.25 39.20 1.16
CA ALA F 57 -35.81 39.09 -0.18
C ALA F 57 -37.10 38.31 -0.18
N LEU F 58 -37.18 37.26 0.67
CA LEU F 58 -38.42 36.49 0.76
C LEU F 58 -39.50 37.31 1.42
N GLN F 59 -39.17 37.93 2.53
CA GLN F 59 -40.12 38.83 3.18
C GLN F 59 -40.67 39.84 2.20
N ARG F 60 -39.80 40.56 1.51
CA ARG F 60 -40.25 41.48 0.52
C ARG F 60 -41.21 40.83 -0.42
N GLY F 61 -40.94 39.64 -0.91
CA GLY F 61 -41.77 39.01 -1.90
C GLY F 61 -43.14 38.62 -1.39
N ILE F 62 -43.24 38.29 -0.11
CA ILE F 62 -44.52 38.00 0.51
C ILE F 62 -45.42 39.23 0.53
N GLU F 63 -44.87 40.38 0.90
CA GLU F 63 -45.60 41.62 0.87
C GLU F 63 -46.02 42.08 -0.54
N LEU F 64 -45.08 42.06 -1.48
CA LEU F 64 -45.40 42.44 -2.84
C LEU F 64 -46.30 41.53 -3.63
N PHE F 65 -46.03 40.23 -3.63
CA PHE F 65 -46.89 39.28 -4.36
C PHE F 65 -47.87 38.39 -3.61
N GLY F 66 -47.78 38.31 -2.31
CA GLY F 66 -48.64 37.41 -1.56
C GLY F 66 -48.15 35.99 -1.32
N VAL F 67 -48.82 35.30 -0.41
CA VAL F 67 -48.41 33.98 0.07
C VAL F 67 -48.42 32.82 -0.93
N GLY F 68 -49.43 32.70 -1.76
CA GLY F 68 -49.48 31.59 -2.69
C GLY F 68 -48.36 31.47 -3.71
N ASN F 69 -47.94 32.61 -4.24
CA ASN F 69 -47.28 32.75 -5.52
C ASN F 69 -45.78 32.69 -5.56
N TRP F 70 -45.25 31.47 -5.51
CA TRP F 70 -43.82 31.24 -5.45
C TRP F 70 -43.03 31.67 -6.69
N LYS F 71 -43.58 31.53 -7.88
CA LYS F 71 -42.87 31.82 -9.09
C LYS F 71 -42.48 33.25 -9.27
N GLU F 72 -43.44 34.11 -9.09
CA GLU F 72 -43.22 35.54 -9.19
C GLU F 72 -42.23 36.01 -8.15
N ILE F 73 -42.36 35.47 -6.95
CA ILE F 73 -41.46 35.85 -5.88
C ILE F 73 -40.05 35.44 -6.23
N ASN F 74 -39.92 34.27 -6.81
CA ASN F 74 -38.65 33.79 -7.25
C ASN F 74 -38.12 34.66 -8.37
N TYR F 75 -38.96 34.91 -9.34
CA TYR F 75 -38.56 35.67 -10.49
C TYR F 75 -38.19 37.07 -10.06
N ASP F 76 -38.97 37.69 -9.20
CA ASP F 76 -38.63 39.02 -8.70
C ASP F 76 -37.41 39.23 -7.81
N GLU F 77 -37.20 38.40 -6.79
CA GLU F 77 -36.08 38.65 -5.87
C GLU F 77 -34.98 37.64 -5.98
N PHE F 78 -35.19 36.57 -6.72
CA PHE F 78 -34.19 35.52 -6.76
C PHE F 78 -33.64 35.26 -8.13
N SER F 79 -34.20 35.94 -9.11
CA SER F 79 -33.79 35.87 -10.50
C SER F 79 -34.43 34.68 -11.17
N GLY F 80 -35.24 33.95 -10.42
CA GLY F 80 -35.70 32.64 -10.82
C GLY F 80 -34.70 31.60 -10.40
N LYS F 81 -33.66 32.00 -9.71
CA LYS F 81 -32.67 31.11 -9.13
C LYS F 81 -33.08 30.16 -7.99
N ALA F 82 -33.96 30.59 -7.12
CA ALA F 82 -34.37 29.82 -5.94
C ALA F 82 -35.28 28.64 -6.19
N ASN F 83 -35.36 27.77 -5.20
CA ASN F 83 -36.25 26.64 -5.21
C ASN F 83 -37.57 27.04 -4.58
N ILE F 84 -38.67 26.80 -5.23
CA ILE F 84 -39.90 27.21 -4.70
C ILE F 84 -40.37 26.40 -3.56
N VAL F 85 -39.92 25.18 -3.45
CA VAL F 85 -40.18 24.39 -2.25
C VAL F 85 -39.52 25.05 -1.04
N GLU F 86 -38.28 25.45 -1.15
CA GLU F 86 -37.63 26.12 -0.06
C GLU F 86 -38.31 27.42 0.35
N LEU F 87 -38.86 28.14 -0.59
CA LEU F 87 -39.56 29.35 -0.31
C LEU F 87 -40.80 29.17 0.52
N GLU F 88 -41.59 28.16 0.22
CA GLU F 88 -42.76 27.80 1.00
C GLU F 88 -42.45 27.36 2.43
N LEU F 89 -41.41 26.57 2.58
CA LEU F 89 -40.95 26.08 3.85
C LEU F 89 -40.48 27.17 4.75
N ARG F 90 -39.77 28.11 4.18
CA ARG F 90 -39.25 29.26 4.87
C ARG F 90 -40.30 30.25 5.39
N THR F 91 -41.32 30.50 4.60
CA THR F 91 -42.49 31.26 5.01
C THR F 91 -43.32 30.55 6.08
N CYS F 92 -43.46 29.24 6.00
CA CYS F 92 -44.04 28.52 7.11
C CYS F 92 -43.38 28.94 8.41
N MSE F 93 -42.07 29.16 8.38
CA MSE F 93 -41.37 29.53 9.60
C MSE F 93 -41.64 30.97 9.89
O MSE F 93 -41.60 31.38 11.03
CB MSE F 93 -39.88 29.30 9.46
CG MSE F 93 -39.52 28.06 8.69
SE MSE F 93 -37.67 27.55 8.73
CE MSE F 93 -36.89 29.24 8.40
N ILE F 94 -41.91 31.73 8.84
CA ILE F 94 -42.11 33.16 8.97
C ILE F 94 -43.49 33.45 9.53
N LEU F 95 -44.49 32.73 9.05
CA LEU F 95 -45.70 32.59 9.81
C LEU F 95 -45.45 31.53 10.85
N GLY F 96 -46.27 31.49 11.87
CA GLY F 96 -46.10 30.50 12.92
C GLY F 96 -46.30 29.07 12.48
N ILE F 97 -47.21 28.88 11.58
CA ILE F 97 -47.80 27.63 11.22
C ILE F 97 -46.96 26.65 10.36
N ASN F 98 -47.30 25.37 10.42
CA ASN F 98 -46.69 24.35 9.59
C ASN F 98 -47.40 24.07 8.29
N ASP F 99 -48.58 24.62 8.14
CA ASP F 99 -49.28 24.62 6.87
C ASP F 99 -49.86 26.01 6.59
N ILE F 100 -49.67 26.52 5.40
CA ILE F 100 -50.02 27.90 5.13
C ILE F 100 -51.21 28.12 4.21
N THR F 101 -52.03 27.10 4.02
CA THR F 101 -53.10 27.08 3.04
C THR F 101 -54.08 28.18 3.30
N GLU F 102 -54.27 28.52 4.55
CA GLU F 102 -55.21 29.57 4.90
C GLU F 102 -54.81 30.90 4.32
N TYR F 103 -53.51 31.15 4.26
CA TYR F 103 -53.04 32.47 3.90
C TYR F 103 -52.80 32.71 2.43
N TYR F 104 -53.11 31.74 1.59
CA TYR F 104 -52.77 31.85 0.20
C TYR F 104 -53.44 33.02 -0.47
N GLY F 105 -52.67 33.75 -1.23
CA GLY F 105 -53.13 34.87 -2.00
C GLY F 105 -53.03 36.17 -1.25
N LYS F 106 -52.91 36.10 0.06
CA LYS F 106 -52.79 37.28 0.89
C LYS F 106 -51.42 37.88 0.85
N LYS F 107 -51.35 39.20 0.91
CA LYS F 107 -50.09 39.89 0.94
C LYS F 107 -49.87 40.38 2.32
N ILE F 108 -48.73 40.08 2.90
CA ILE F 108 -48.51 40.33 4.30
C ILE F 108 -47.23 41.12 4.45
N SER F 109 -47.21 42.03 5.41
CA SER F 109 -46.12 42.98 5.55
C SER F 109 -45.17 42.56 6.65
N GLU F 110 -43.90 42.95 6.51
CA GLU F 110 -42.90 42.47 7.46
C GLU F 110 -43.36 42.65 8.89
N GLU F 111 -43.95 43.79 9.18
CA GLU F 111 -44.55 43.99 10.48
C GLU F 111 -45.77 43.12 10.74
N GLU F 112 -46.68 43.04 9.78
CA GLU F 112 -47.82 42.18 9.98
C GLU F 112 -47.46 40.72 10.07
N GLN F 113 -46.58 40.28 9.20
CA GLN F 113 -46.22 38.87 9.23
C GLN F 113 -45.60 38.49 10.56
N GLU F 114 -44.86 39.38 11.20
CA GLU F 114 -44.38 38.99 12.52
C GLU F 114 -45.52 38.95 13.52
N GLU F 115 -46.59 39.68 13.30
CA GLU F 115 -47.69 39.61 14.25
C GLU F 115 -48.46 38.32 14.06
N ILE F 116 -48.59 37.86 12.82
CA ILE F 116 -49.19 36.56 12.56
C ILE F 116 -48.36 35.47 13.19
N LYS F 117 -47.05 35.60 13.13
CA LYS F 117 -46.17 34.57 13.67
C LYS F 117 -46.36 34.40 15.17
N LYS F 118 -46.37 35.51 15.91
CA LYS F 118 -46.48 35.41 17.37
C LYS F 118 -47.82 34.82 17.79
N SER F 119 -48.89 35.22 17.16
CA SER F 119 -50.18 34.73 17.52
C SER F 119 -50.26 33.24 17.35
N ASN F 120 -49.72 32.78 16.24
CA ASN F 120 -49.74 31.38 15.87
C ASN F 120 -48.94 30.58 16.84
N ILE F 121 -47.83 31.14 17.29
CA ILE F 121 -47.06 30.52 18.33
C ILE F 121 -47.83 30.42 19.63
N ALA F 122 -48.53 31.48 20.01
CA ALA F 122 -49.37 31.44 21.18
C ALA F 122 -50.49 30.45 21.00
N LYS F 123 -51.14 30.48 19.87
CA LYS F 123 -52.28 29.61 19.64
C LYS F 123 -51.80 28.19 19.74
N GLY F 124 -50.58 27.97 19.26
CA GLY F 124 -49.99 26.67 19.30
C GLY F 124 -49.81 26.20 20.72
N LYS F 125 -49.38 27.10 21.59
CA LYS F 125 -49.28 26.77 23.01
C LYS F 125 -50.68 26.46 23.53
N LYS F 126 -51.66 27.18 23.03
CA LYS F 126 -52.98 27.12 23.57
C LYS F 126 -53.50 25.71 23.51
N GLU F 127 -53.33 25.03 22.39
CA GLU F 127 -53.83 23.67 22.31
C GLU F 127 -52.70 22.67 22.41
N ASN F 128 -51.50 23.17 22.68
CA ASN F 128 -50.35 22.33 22.97
C ASN F 128 -49.89 21.61 21.74
N LYS F 129 -50.40 22.06 20.60
CA LYS F 129 -49.87 21.68 19.33
C LYS F 129 -48.78 22.63 18.87
N LEU F 130 -47.62 22.66 19.55
CA LEU F 130 -46.44 23.41 19.07
C LEU F 130 -45.03 22.75 19.19
N LYS F 131 -44.34 22.59 18.07
CA LYS F 131 -43.02 21.98 18.02
C LYS F 131 -42.02 22.85 17.26
N ASP F 132 -40.85 23.03 17.79
CA ASP F 132 -39.77 23.69 17.07
C ASP F 132 -40.05 25.11 16.64
N ASN F 133 -40.87 25.81 17.40
CA ASN F 133 -41.23 27.19 17.10
C ASN F 133 -42.26 27.35 16.01
N ILE F 134 -42.96 26.29 15.69
CA ILE F 134 -43.93 26.31 14.65
C ILE F 134 -45.22 25.72 15.20
N TYR F 135 -46.34 26.41 15.02
CA TYR F 135 -47.67 25.89 15.38
C TYR F 135 -48.07 24.84 14.38
N GLN F 136 -48.29 23.61 14.84
CA GLN F 136 -48.60 22.52 13.91
C GLN F 136 -50.09 22.33 13.76
N LYS F 137 -50.71 23.29 13.07
CA LYS F 137 -52.13 23.20 12.81
C LYS F 137 -52.51 21.85 12.26
N LEU F 138 -51.62 21.21 11.53
CA LEU F 138 -51.95 20.01 10.79
C LEU F 138 -50.99 18.90 11.19
N GLN F 139 -51.51 17.71 11.44
CA GLN F 139 -50.66 16.58 11.78
C GLN F 139 -50.84 15.43 10.81
#